data_9FO5
#
_entry.id   9FO5
#
loop_
_entity.id
_entity.type
_entity.pdbx_description
1 polymer 'Capsid protein VP1'
2 polymer 'Capsid protein VP2'
3 polymer 'Capsid protein VP3'
4 polymer 'Capsid protein VP4'
5 non-polymer ~{N}-[[3,4-bis(fluoranyl)phenyl]methyl]-4-[(4-methylpiperazin-1-yl)methyl]aniline
#
loop_
_entity_poly.entity_id
_entity_poly.type
_entity_poly.pdbx_seq_one_letter_code
_entity_poly.pdbx_strand_id
1 'polypeptide(L)'
;GDVEEAIERAVVHVADTMRSGPSNSASVPALTAVETGHTSQVTPSDTMQTRHVKNYHSRSESTVENFLGRSACVYMEEYK
TTDNDVNKKFVAWPINTKQMVQMRRKLEMFTYLRFDMEVTFVITSRQDPGTTLAQDMPVLTHQIMYVPPGGPIPAKVDDY
AWQTSTNPSIFWTEGNAPARMSIPFISIGNAYSNFYDGWSNFDQRGSYGYNTLNNLGHIYVRHVSGSSPHPITSTIRVYF
KPKHTRAWVPRPPRLCQYKKAFSVDFTPTPITDTRKDINTVTTVAQSRRRGDMSTLNTH
;
A
2 'polypeptide(L)'
;SPTVEECGYSDRVRSITLGNSTITTQECANVVVGYGRWPTYLRDDEATAEDQPTQPDVATCRFYTLDSIKWEKGSVGWWW
KFPEALSDMGLFGQNMQYHYLGRAGYTIHVQCNASKFHQGCLLVVCVPEAEMGGAVVGQAFSATAMANGDKAYEFTSATQ
SDQTKVQTAIHNAGMGVGVGNLTIYPHQWINLRTNNSATIVMPYINSVPMDNMFRHYNFTLMVIPFVKLDYADTASTYVP
ITVTVAPMCAEYNGLRLAQAQ
;
B
3 'polypeptide(L)'
;GLPTMNTPGSTQFLTSDDFQSPCALPQFDVTPSMNIPGEVKNLMEIAEVDSVVPVNNVQDTTDQMEMFRIPVTINAPLQQ
QVFGLRLQPGLDSVFKHTLLGEILNYYAHWSGSMKLTFVFCGSAMATGKFLIAYSPPGANPPKTRKDAMLGTHIIWDIGL
QSSCVLCVPWISQTHYRLVQQDEYTSAGYVTCWYQTGMIVPPGTPNSSSIMCFASACNDFSVRMLRDTPFISQDNKLQ
;
C
4 'polypeptide(L)' GAQVSTQKTGAHETSLSAAGNSIIHYTNINYYKDAASNSANRQDFTQDPSKFTEPVKDVMIKSLPALN D
#
loop_
_chem_comp.id
_chem_comp.type
_chem_comp.name
_chem_comp.formula
A1IEH non-polymer ~{N}-[[3,4-bis(fluoranyl)phenyl]methyl]-4-[(4-methylpiperazin-1-yl)methyl]aniline 'C19 H23 F2 N3'
#
# COMPACT_ATOMS: atom_id res chain seq x y z
N GLY A 1 -23.60 27.13 29.29
CA GLY A 1 -22.70 26.47 28.32
C GLY A 1 -21.25 26.83 28.57
N ASP A 2 -20.77 26.70 29.80
CA ASP A 2 -19.37 27.01 30.17
C ASP A 2 -18.52 25.76 29.91
N VAL A 3 -19.14 24.58 29.89
CA VAL A 3 -18.45 23.29 29.61
C VAL A 3 -19.32 22.46 28.67
N GLU A 4 -18.73 21.85 27.64
CA GLU A 4 -19.46 21.01 26.66
C GLU A 4 -19.40 19.58 27.18
N GLU A 5 -18.23 19.15 27.66
CA GLU A 5 -18.02 17.77 28.18
C GLU A 5 -18.18 16.78 27.02
N ALA A 6 -17.18 16.70 26.13
CA ALA A 6 -17.18 15.74 25.01
C ALA A 6 -17.23 14.32 25.58
N ILE A 7 -18.16 13.49 25.10
CA ILE A 7 -18.31 12.09 25.59
C ILE A 7 -17.02 11.31 25.33
N GLU A 8 -16.76 10.31 26.16
CA GLU A 8 -15.53 9.50 26.02
C GLU A 8 -15.59 8.73 24.69
N ARG A 9 -14.43 8.54 24.04
CA ARG A 9 -14.39 7.74 22.78
C ARG A 9 -14.50 6.26 23.12
N ALA A 10 -14.35 5.91 24.40
CA ALA A 10 -14.46 4.50 24.85
C ALA A 10 -13.28 3.69 24.31
N VAL A 11 -12.17 3.64 25.05
CA VAL A 11 -10.96 2.87 24.62
C VAL A 11 -11.41 1.59 23.95
N VAL A 12 -11.04 1.39 22.68
CA VAL A 12 -11.35 0.14 21.94
C VAL A 12 -10.17 -0.81 22.16
N HIS A 13 -10.30 -1.76 23.06
CA HIS A 13 -9.23 -2.76 23.30
C HIS A 13 -9.31 -3.86 22.24
N VAL A 14 -8.24 -4.62 22.02
CA VAL A 14 -8.25 -5.72 21.06
C VAL A 14 -9.10 -6.86 21.59
N ALA A 15 -9.40 -7.81 20.70
CA ALA A 15 -10.27 -8.91 21.06
C ALA A 15 -9.62 -9.79 22.13
N ASP A 16 -10.45 -10.34 23.01
CA ASP A 16 -9.98 -11.23 24.05
C ASP A 16 -9.85 -12.65 23.52
N THR A 17 -9.37 -13.55 24.37
CA THR A 17 -9.24 -14.96 24.04
C THR A 17 -10.17 -15.76 24.94
N MET A 18 -11.02 -16.59 24.34
CA MET A 18 -12.00 -17.36 25.07
C MET A 18 -11.49 -18.77 25.32
N ARG A 19 -11.84 -19.31 26.49
CA ARG A 19 -11.40 -20.65 26.85
C ARG A 19 -11.97 -21.66 25.88
N SER A 20 -11.15 -22.63 25.49
CA SER A 20 -11.55 -23.68 24.57
C SER A 20 -11.06 -25.02 25.09
N GLY A 21 -11.86 -26.06 24.87
CA GLY A 21 -11.55 -27.39 25.32
C GLY A 21 -11.36 -28.36 24.17
N PRO A 22 -11.16 -29.64 24.49
CA PRO A 22 -11.00 -30.64 23.44
C PRO A 22 -12.23 -30.71 22.56
N SER A 23 -12.01 -30.96 21.27
CA SER A 23 -13.08 -31.02 20.30
C SER A 23 -12.87 -32.18 19.34
N ASN A 24 -13.97 -32.71 18.83
CA ASN A 24 -13.93 -33.78 17.83
C ASN A 24 -15.25 -33.73 17.08
N SER A 25 -15.23 -33.12 15.89
CA SER A 25 -16.46 -32.88 15.15
C SER A 25 -16.13 -32.73 13.67
N ALA A 26 -17.17 -32.52 12.87
CA ALA A 26 -17.01 -32.37 11.44
C ALA A 26 -16.59 -30.96 11.03
N SER A 27 -16.70 -29.99 11.93
CA SER A 27 -16.26 -28.63 11.61
C SER A 27 -14.73 -28.62 11.47
N VAL A 28 -14.26 -27.92 10.45
CA VAL A 28 -12.83 -27.84 10.17
C VAL A 28 -12.43 -26.39 9.96
N PRO A 29 -12.33 -25.59 11.03
CA PRO A 29 -11.93 -24.20 10.85
C PRO A 29 -10.58 -24.03 10.18
N ALA A 30 -9.64 -24.95 10.43
CA ALA A 30 -8.30 -24.79 9.89
C ALA A 30 -8.30 -24.82 8.37
N LEU A 31 -9.05 -25.73 7.77
CA LEU A 31 -9.06 -25.87 6.32
C LEU A 31 -9.84 -24.72 5.69
N THR A 32 -9.27 -24.15 4.64
CA THR A 32 -9.90 -23.04 3.92
C THR A 32 -9.48 -23.12 2.46
N ALA A 33 -9.70 -22.03 1.72
CA ALA A 33 -9.33 -21.94 0.32
C ALA A 33 -8.99 -20.50 0.01
N VAL A 34 -7.69 -20.21 -0.16
CA VAL A 34 -7.26 -18.86 -0.46
C VAL A 34 -7.61 -18.44 -1.88
N GLU A 35 -8.05 -19.38 -2.72
CA GLU A 35 -8.40 -19.02 -4.09
C GLU A 35 -9.50 -17.97 -4.14
N THR A 36 -10.35 -17.91 -3.11
CA THR A 36 -11.41 -16.92 -3.08
C THR A 36 -10.90 -15.52 -2.86
N GLY A 37 -9.62 -15.34 -2.55
CA GLY A 37 -9.13 -14.02 -2.24
C GLY A 37 -9.57 -13.52 -0.89
N HIS A 38 -9.99 -14.43 0.00
CA HIS A 38 -10.51 -14.08 1.31
C HIS A 38 -9.54 -14.58 2.37
N THR A 39 -9.10 -13.68 3.24
CA THR A 39 -8.15 -14.04 4.28
C THR A 39 -8.88 -14.74 5.42
N SER A 40 -8.31 -15.85 5.88
CA SER A 40 -8.96 -16.63 6.92
C SER A 40 -9.07 -15.83 8.22
N GLN A 41 -10.16 -16.07 8.95
CA GLN A 41 -10.43 -15.37 10.19
C GLN A 41 -10.25 -16.28 11.42
N VAL A 42 -9.47 -17.35 11.29
CA VAL A 42 -9.28 -18.24 12.41
C VAL A 42 -8.52 -17.54 13.53
N THR A 43 -8.62 -18.10 14.72
CA THR A 43 -7.97 -17.61 15.92
C THR A 43 -7.32 -18.78 16.62
N PRO A 44 -6.34 -18.52 17.49
CA PRO A 44 -5.67 -19.64 18.17
C PRO A 44 -6.63 -20.51 18.95
N SER A 45 -7.77 -19.95 19.37
CA SER A 45 -8.75 -20.73 20.10
C SER A 45 -9.37 -21.84 19.26
N ASP A 46 -9.19 -21.81 17.95
CA ASP A 46 -9.84 -22.76 17.05
C ASP A 46 -8.96 -23.95 16.70
N THR A 47 -7.73 -24.03 17.21
CA THR A 47 -6.82 -25.11 16.84
C THR A 47 -6.11 -25.75 18.03
N MET A 48 -6.12 -25.13 19.21
CA MET A 48 -5.53 -25.72 20.40
C MET A 48 -6.26 -25.18 21.60
N GLN A 49 -6.24 -25.96 22.69
CA GLN A 49 -6.87 -25.52 23.92
C GLN A 49 -6.21 -24.25 24.43
N THR A 50 -7.03 -23.30 24.89
CA THR A 50 -6.55 -22.02 25.34
C THR A 50 -7.25 -21.63 26.64
N ARG A 51 -6.57 -20.82 27.43
CA ARG A 51 -7.14 -20.26 28.65
C ARG A 51 -7.84 -18.94 28.33
N HIS A 52 -8.62 -18.46 29.29
CA HIS A 52 -9.27 -17.17 29.14
C HIS A 52 -8.29 -16.05 29.47
N VAL A 53 -8.15 -15.09 28.57
CA VAL A 53 -7.22 -13.98 28.73
C VAL A 53 -7.94 -12.69 28.39
N LYS A 54 -7.77 -11.68 29.22
CA LYS A 54 -8.30 -10.36 28.97
C LYS A 54 -7.18 -9.47 28.46
N ASN A 55 -7.32 -8.97 27.24
CA ASN A 55 -6.32 -8.11 26.62
C ASN A 55 -6.69 -6.66 26.82
N TYR A 56 -5.78 -5.90 27.42
CA TYR A 56 -5.94 -4.46 27.55
C TYR A 56 -5.13 -3.69 26.53
N HIS A 57 -4.48 -4.36 25.58
CA HIS A 57 -3.77 -3.68 24.53
C HIS A 57 -4.73 -2.90 23.65
N SER A 58 -4.24 -1.79 23.08
CA SER A 58 -5.02 -0.97 22.19
C SER A 58 -4.18 -0.61 20.97
N ARG A 59 -4.88 -0.35 19.86
CA ARG A 59 -4.23 0.00 18.60
C ARG A 59 -4.21 1.51 18.37
N SER A 60 -4.10 2.29 19.44
CA SER A 60 -4.18 3.74 19.30
C SER A 60 -3.03 4.27 18.44
N GLU A 61 -1.83 3.75 18.63
CA GLU A 61 -0.66 4.31 17.96
C GLU A 61 -0.56 3.94 16.49
N SER A 62 -1.41 3.06 16.00
CA SER A 62 -1.36 2.63 14.61
C SER A 62 -2.35 3.36 13.72
N THR A 63 -3.09 4.32 14.25
CA THR A 63 -4.04 5.07 13.43
C THR A 63 -3.29 5.91 12.41
N VAL A 64 -3.92 6.12 11.25
CA VAL A 64 -3.29 6.93 10.21
C VAL A 64 -3.03 8.33 10.72
N GLU A 65 -3.94 8.85 11.55
CA GLU A 65 -3.74 10.18 12.12
C GLU A 65 -2.42 10.25 12.86
N ASN A 66 -2.13 9.25 13.70
CA ASN A 66 -0.88 9.24 14.45
C ASN A 66 0.30 8.82 13.59
N PHE A 67 0.07 7.92 12.62
CA PHE A 67 1.17 7.46 11.78
C PHE A 67 1.78 8.60 10.98
N LEU A 68 0.94 9.47 10.44
CA LEU A 68 1.41 10.60 9.65
C LEU A 68 1.53 11.88 10.45
N GLY A 69 1.14 11.89 11.71
CA GLY A 69 1.16 13.10 12.50
C GLY A 69 2.51 13.40 13.12
N ARG A 70 3.56 13.43 12.29
CA ARG A 70 4.90 13.76 12.75
C ARG A 70 5.55 14.68 11.72
N SER A 71 6.13 15.78 12.20
CA SER A 71 6.80 16.70 11.30
C SER A 71 8.05 16.05 10.72
N ALA A 72 8.32 16.34 9.46
CA ALA A 72 9.47 15.78 8.77
C ALA A 72 10.03 16.80 7.80
N CYS A 73 11.35 16.86 7.71
CA CYS A 73 11.99 17.74 6.73
C CYS A 73 11.59 17.33 5.32
N VAL A 74 11.36 18.32 4.47
CA VAL A 74 10.94 18.08 3.09
C VAL A 74 11.85 18.83 2.12
N TYR A 75 12.64 19.77 2.64
CA TYR A 75 13.51 20.56 1.76
C TYR A 75 14.44 21.40 2.60
N MET A 76 15.67 21.54 2.15
CA MET A 76 16.62 22.47 2.75
C MET A 76 17.45 23.11 1.65
N GLU A 77 17.83 24.36 1.88
CA GLU A 77 18.53 25.14 0.87
C GLU A 77 19.34 26.22 1.56
N GLU A 78 20.35 26.73 0.87
CA GLU A 78 21.25 27.74 1.40
C GLU A 78 21.20 29.00 0.53
N TYR A 79 21.32 30.16 1.17
CA TYR A 79 21.40 31.42 0.47
C TYR A 79 22.30 32.38 1.25
N LYS A 80 23.04 33.19 0.52
CA LYS A 80 24.01 34.10 1.13
C LYS A 80 23.45 35.51 1.23
N THR A 81 23.89 36.23 2.25
CA THR A 81 23.42 37.59 2.45
C THR A 81 23.97 38.53 1.38
N THR A 82 25.20 38.31 0.93
CA THR A 82 25.83 39.15 -0.07
C THR A 82 26.74 38.29 -0.94
N ASP A 83 26.67 38.50 -2.25
CA ASP A 83 27.48 37.74 -3.19
C ASP A 83 27.34 38.37 -4.56
N ASN A 84 28.21 37.95 -5.48
CA ASN A 84 28.20 38.50 -6.82
C ASN A 84 27.03 37.97 -7.64
N ASP A 85 26.74 36.68 -7.52
CA ASP A 85 25.66 36.07 -8.29
C ASP A 85 24.32 36.44 -7.66
N VAL A 86 23.44 37.06 -8.47
CA VAL A 86 22.14 37.48 -7.97
C VAL A 86 21.31 36.26 -7.58
N ASN A 87 21.36 35.20 -8.39
CA ASN A 87 20.55 34.02 -8.13
C ASN A 87 20.94 33.30 -6.86
N LYS A 88 22.09 33.61 -6.28
CA LYS A 88 22.59 32.91 -5.11
C LYS A 88 22.19 33.57 -3.80
N LYS A 89 21.47 34.69 -3.85
CA LYS A 89 21.10 35.42 -2.65
C LYS A 89 19.66 35.17 -2.21
N PHE A 90 18.97 34.22 -2.85
CA PHE A 90 17.60 33.90 -2.45
C PHE A 90 17.25 32.53 -2.99
N VAL A 91 16.17 31.96 -2.46
CA VAL A 91 15.75 30.61 -2.79
C VAL A 91 14.42 30.67 -3.51
N ALA A 92 14.22 29.73 -4.43
CA ALA A 92 12.95 29.60 -5.15
C ALA A 92 12.68 28.12 -5.32
N TRP A 93 11.73 27.59 -4.54
CA TRP A 93 11.49 26.16 -4.46
C TRP A 93 10.07 25.84 -4.91
N PRO A 94 9.87 25.09 -5.99
CA PRO A 94 8.51 24.61 -6.31
C PRO A 94 8.06 23.56 -5.31
N ILE A 95 6.89 23.77 -4.72
CA ILE A 95 6.43 22.92 -3.64
C ILE A 95 6.15 21.51 -4.16
N ASN A 96 6.65 20.51 -3.45
CA ASN A 96 6.42 19.11 -3.76
C ASN A 96 6.98 18.28 -2.62
N THR A 97 6.38 17.10 -2.41
CA THR A 97 6.75 16.24 -1.29
C THR A 97 7.65 15.09 -1.70
N LYS A 98 8.20 15.11 -2.92
CA LYS A 98 8.98 13.99 -3.42
C LYS A 98 10.48 14.16 -3.26
N GLN A 99 10.94 15.26 -2.65
CA GLN A 99 12.37 15.53 -2.59
C GLN A 99 13.09 14.66 -1.56
N MET A 100 12.51 14.50 -0.38
CA MET A 100 13.15 13.79 0.73
C MET A 100 12.56 12.39 0.86
N VAL A 101 13.44 11.41 1.06
CA VAL A 101 13.07 10.02 0.81
C VAL A 101 12.10 9.49 1.86
N GLN A 102 12.40 9.72 3.14
CA GLN A 102 11.59 9.07 4.18
C GLN A 102 10.15 9.54 4.12
N MET A 103 9.93 10.85 4.11
CA MET A 103 8.56 11.35 4.08
C MET A 103 7.85 10.91 2.80
N ARG A 104 8.58 10.87 1.69
CA ARG A 104 8.01 10.39 0.44
C ARG A 104 7.49 8.96 0.59
N ARG A 105 8.34 8.08 1.12
CA ARG A 105 7.94 6.67 1.26
C ARG A 105 6.74 6.55 2.20
N LYS A 106 6.74 7.31 3.29
CA LYS A 106 5.61 7.25 4.20
C LYS A 106 4.30 7.61 3.48
N LEU A 107 4.31 8.70 2.72
CA LEU A 107 3.10 9.12 2.04
C LEU A 107 2.69 8.12 0.97
N GLU A 108 3.65 7.56 0.25
CA GLU A 108 3.36 6.71 -0.90
C GLU A 108 2.74 5.39 -0.52
N MET A 109 2.40 5.12 0.75
CA MET A 109 1.66 3.91 1.08
C MET A 109 0.17 4.04 0.84
N PHE A 110 -0.31 5.22 0.46
CA PHE A 110 -1.71 5.43 0.16
C PHE A 110 -1.85 6.15 -1.18
N THR A 111 -2.86 5.77 -1.94
CA THR A 111 -3.05 6.36 -3.26
C THR A 111 -3.59 7.79 -3.17
N TYR A 112 -4.53 8.03 -2.27
CA TYR A 112 -5.18 9.33 -2.15
C TYR A 112 -5.14 9.79 -0.70
N LEU A 113 -4.96 11.10 -0.50
CA LEU A 113 -4.88 11.67 0.82
C LEU A 113 -5.67 12.97 0.86
N ARG A 114 -6.11 13.33 2.06
CA ARG A 114 -6.85 14.57 2.28
C ARG A 114 -6.56 15.02 3.71
N PHE A 115 -5.89 16.16 3.87
CA PHE A 115 -5.48 16.58 5.20
C PHE A 115 -5.20 18.06 5.20
N ASP A 116 -5.22 18.63 6.40
CA ASP A 116 -4.67 19.96 6.62
C ASP A 116 -3.17 19.86 6.85
N MET A 117 -2.48 20.97 6.68
CA MET A 117 -1.02 21.00 6.76
C MET A 117 -0.58 22.01 7.81
N GLU A 118 0.45 21.64 8.57
CA GLU A 118 1.11 22.54 9.50
C GLU A 118 2.57 22.66 9.09
N VAL A 119 3.01 23.87 8.79
CA VAL A 119 4.33 24.12 8.25
C VAL A 119 5.17 24.85 9.29
N THR A 120 6.39 24.39 9.50
CA THR A 120 7.33 25.01 10.42
C THR A 120 8.65 25.25 9.70
N PHE A 121 9.28 26.38 9.98
CA PHE A 121 10.53 26.77 9.33
C PHE A 121 11.62 26.90 10.37
N VAL A 122 12.76 26.27 10.12
CA VAL A 122 13.94 26.39 10.97
C VAL A 122 15.03 27.07 10.16
N ILE A 123 15.54 28.18 10.66
CA ILE A 123 16.52 29.00 9.96
C ILE A 123 17.74 29.17 10.85
N THR A 124 18.92 28.98 10.26
CA THR A 124 20.17 29.16 10.98
C THR A 124 21.15 29.89 10.08
N SER A 125 22.13 30.55 10.70
CA SER A 125 23.10 31.36 9.98
C SER A 125 24.49 31.04 10.48
N ARG A 126 25.48 31.28 9.61
CA ARG A 126 26.88 31.08 9.97
C ARG A 126 27.73 32.01 9.12
N GLN A 127 28.85 32.44 9.70
CA GLN A 127 29.78 33.32 9.00
C GLN A 127 30.70 32.50 8.12
N ASP A 128 30.80 32.90 6.85
CA ASP A 128 31.65 32.17 5.92
C ASP A 128 33.12 32.34 6.30
N PRO A 129 33.95 31.33 6.06
CA PRO A 129 35.37 31.47 6.35
C PRO A 129 36.04 32.48 5.44
N GLY A 130 37.08 33.13 5.96
CA GLY A 130 37.78 34.13 5.19
C GLY A 130 38.98 34.64 5.96
N THR A 131 39.72 35.54 5.32
CA THR A 131 40.91 36.10 5.93
C THR A 131 40.60 37.11 7.02
N THR A 132 39.58 37.94 6.84
CA THR A 132 39.19 38.96 7.81
C THR A 132 37.76 38.71 8.23
N LEU A 133 37.54 38.53 9.52
CA LEU A 133 36.22 38.21 10.05
C LEU A 133 35.74 39.19 11.10
N ALA A 134 36.60 40.10 11.55
CA ALA A 134 36.22 41.04 12.60
C ALA A 134 35.16 41.99 12.09
N GLN A 135 33.92 41.80 12.55
CA GLN A 135 32.84 42.70 12.19
C GLN A 135 31.76 42.62 13.26
N ASP A 136 30.89 43.61 13.27
CA ASP A 136 29.77 43.66 14.20
C ASP A 136 28.50 43.85 13.38
N MET A 137 27.54 42.95 13.56
CA MET A 137 26.29 42.99 12.81
C MET A 137 25.11 42.78 13.75
N PRO A 138 24.09 43.62 13.70
CA PRO A 138 22.89 43.36 14.51
C PRO A 138 22.19 42.08 14.10
N VAL A 139 21.11 41.73 14.81
CA VAL A 139 20.39 40.51 14.49
C VAL A 139 19.81 40.61 13.09
N LEU A 140 19.77 39.48 12.40
CA LEU A 140 19.27 39.41 11.04
C LEU A 140 17.76 39.14 11.04
N THR A 141 17.13 39.47 9.90
CA THR A 141 15.71 39.22 9.71
C THR A 141 15.50 38.58 8.34
N HIS A 142 14.53 37.69 8.27
CA HIS A 142 14.25 36.92 7.06
C HIS A 142 12.79 37.07 6.69
N GLN A 143 12.50 36.92 5.40
CA GLN A 143 11.16 36.98 4.86
C GLN A 143 10.86 35.72 4.09
N ILE A 144 9.71 35.10 4.36
CA ILE A 144 9.23 33.95 3.62
C ILE A 144 7.96 34.37 2.90
N MET A 145 7.91 34.12 1.59
CA MET A 145 6.79 34.52 0.77
C MET A 145 6.28 33.32 -0.01
N TYR A 146 4.95 33.19 -0.07
CA TYR A 146 4.29 32.10 -0.77
C TYR A 146 3.56 32.66 -1.98
N VAL A 147 3.84 32.12 -3.16
CA VAL A 147 3.31 32.63 -4.41
C VAL A 147 2.45 31.53 -5.04
N PRO A 148 1.13 31.65 -4.96
CA PRO A 148 0.27 30.70 -5.65
C PRO A 148 0.57 30.67 -7.13
N PRO A 149 0.14 29.64 -7.85
CA PRO A 149 0.52 29.53 -9.26
C PRO A 149 0.01 30.72 -10.06
N GLY A 150 0.84 31.17 -11.00
CA GLY A 150 0.48 32.25 -11.88
C GLY A 150 0.81 33.64 -11.38
N GLY A 151 1.25 33.79 -10.14
CA GLY A 151 1.60 35.08 -9.62
C GLY A 151 2.97 35.53 -10.08
N PRO A 152 3.27 36.80 -9.87
CA PRO A 152 4.59 37.31 -10.24
C PRO A 152 5.69 36.66 -9.42
N ILE A 153 6.85 36.51 -10.02
CA ILE A 153 8.00 35.86 -9.40
C ILE A 153 9.13 36.89 -9.33
N PRO A 154 9.76 37.09 -8.17
CA PRO A 154 10.90 38.01 -8.12
C PRO A 154 12.09 37.48 -8.90
N ALA A 155 12.90 38.41 -9.41
CA ALA A 155 14.10 38.07 -10.15
C ALA A 155 15.37 38.47 -9.42
N LYS A 156 15.27 39.22 -8.33
CA LYS A 156 16.44 39.62 -7.55
C LYS A 156 15.99 39.92 -6.13
N VAL A 157 16.97 40.04 -5.24
CA VAL A 157 16.65 40.18 -3.82
C VAL A 157 15.82 41.44 -3.57
N ASP A 158 16.12 42.52 -4.27
CA ASP A 158 15.46 43.81 -4.05
C ASP A 158 14.40 44.10 -5.11
N ASP A 159 13.71 43.07 -5.58
CA ASP A 159 12.69 43.26 -6.59
C ASP A 159 11.43 43.86 -5.97
N TYR A 160 10.61 44.47 -6.82
CA TYR A 160 9.35 45.06 -6.35
C TYR A 160 8.40 44.00 -5.84
N ALA A 161 8.52 42.76 -6.34
CA ALA A 161 7.56 41.72 -5.98
C ALA A 161 7.57 41.42 -4.49
N TRP A 162 8.61 41.81 -3.78
CA TRP A 162 8.70 41.54 -2.35
C TRP A 162 7.81 42.44 -1.52
N GLN A 163 6.90 43.21 -2.11
CA GLN A 163 6.02 44.11 -1.37
C GLN A 163 4.65 43.50 -1.20
N THR A 164 4.61 42.20 -0.90
CA THR A 164 3.38 41.41 -0.93
C THR A 164 2.19 42.21 -0.44
N SER A 165 1.15 42.25 -1.28
CA SER A 165 -0.13 42.84 -0.91
C SER A 165 -1.24 41.82 -0.80
N THR A 166 -1.09 40.67 -1.45
CA THR A 166 -2.08 39.60 -1.37
C THR A 166 -1.40 38.29 -1.02
N ASN A 167 -0.15 38.12 -1.44
CA ASN A 167 0.59 36.91 -1.14
C ASN A 167 0.91 36.87 0.35
N PRO A 168 0.53 35.81 1.08
CA PRO A 168 0.91 35.74 2.49
C PRO A 168 2.41 35.66 2.65
N SER A 169 2.91 36.24 3.75
CA SER A 169 4.34 36.25 4.01
C SER A 169 4.56 36.26 5.51
N ILE A 170 5.77 35.86 5.91
CA ILE A 170 6.17 35.85 7.32
C ILE A 170 7.51 36.55 7.43
N PHE A 171 7.61 37.47 8.38
CA PHE A 171 8.86 38.12 8.74
C PHE A 171 9.32 37.57 10.08
N TRP A 172 10.55 37.06 10.12
CA TRP A 172 11.06 36.36 11.30
C TRP A 172 12.44 36.90 11.64
N THR A 173 12.73 36.92 12.94
CA THR A 173 13.99 37.44 13.46
C THR A 173 14.70 36.35 14.25
N GLU A 174 16.01 36.26 14.06
CA GLU A 174 16.76 35.20 14.72
C GLU A 174 16.75 35.37 16.23
N GLY A 175 16.85 34.25 16.93
CA GLY A 175 16.83 34.23 18.38
C GLY A 175 15.49 33.89 18.98
N ASN A 176 14.43 33.86 18.19
CA ASN A 176 13.10 33.54 18.66
C ASN A 176 12.73 32.12 18.28
N ALA A 177 11.49 31.74 18.58
CA ALA A 177 11.03 30.42 18.23
C ALA A 177 10.82 30.29 16.72
N PRO A 178 10.88 29.07 16.18
CA PRO A 178 10.68 28.92 14.74
C PRO A 178 9.30 29.37 14.30
N ALA A 179 9.24 29.86 13.06
CA ALA A 179 7.97 30.31 12.50
C ALA A 179 7.06 29.13 12.21
N ARG A 180 5.76 29.40 12.13
CA ARG A 180 4.78 28.36 11.92
C ARG A 180 3.52 28.95 11.32
N MET A 181 2.78 28.11 10.59
CA MET A 181 1.50 28.50 10.01
C MET A 181 0.68 27.23 9.79
N SER A 182 -0.60 27.41 9.52
CA SER A 182 -1.49 26.33 9.17
C SER A 182 -2.05 26.56 7.78
N ILE A 183 -2.16 25.48 7.01
CA ILE A 183 -2.62 25.56 5.62
C ILE A 183 -3.78 24.59 5.45
N PRO A 184 -4.92 25.04 4.94
CA PRO A 184 -6.05 24.11 4.74
C PRO A 184 -5.85 23.23 3.52
N PHE A 185 -6.87 22.44 3.19
CA PHE A 185 -6.83 21.54 2.03
C PHE A 185 -7.03 22.35 0.77
N ILE A 186 -5.98 22.46 -0.05
CA ILE A 186 -5.99 23.40 -1.17
C ILE A 186 -5.88 22.71 -2.51
N SER A 187 -6.47 21.51 -2.63
CA SER A 187 -6.45 20.78 -3.88
C SER A 187 -7.69 21.11 -4.70
N ILE A 188 -7.52 21.21 -6.01
CA ILE A 188 -8.67 21.43 -6.88
C ILE A 188 -9.55 20.18 -6.90
N GLY A 189 -8.95 19.00 -6.83
CA GLY A 189 -9.72 17.77 -6.76
C GLY A 189 -10.25 17.53 -5.36
N ASN A 190 -10.87 16.36 -5.19
CA ASN A 190 -11.41 15.98 -3.90
C ASN A 190 -10.37 15.36 -2.97
N ALA A 191 -9.15 15.17 -3.43
CA ALA A 191 -8.11 14.58 -2.60
C ALA A 191 -6.77 14.66 -3.33
N TYR A 192 -5.71 14.82 -2.57
CA TYR A 192 -4.37 14.75 -3.16
C TYR A 192 -4.13 13.36 -3.72
N SER A 193 -3.42 13.29 -4.83
CA SER A 193 -3.10 12.03 -5.48
C SER A 193 -1.58 11.88 -5.54
N ASN A 194 -1.07 10.81 -4.93
CA ASN A 194 0.36 10.55 -4.98
C ASN A 194 0.79 9.99 -6.34
N PHE A 195 -0.11 9.29 -7.01
CA PHE A 195 0.19 8.67 -8.30
C PHE A 195 -0.86 9.08 -9.31
N TYR A 196 -0.46 9.13 -10.58
CA TYR A 196 -1.36 9.50 -11.66
C TYR A 196 -0.88 8.79 -12.91
N ASP A 197 -1.55 7.69 -13.26
CA ASP A 197 -1.19 6.91 -14.45
C ASP A 197 -1.93 7.49 -15.65
N GLY A 198 -1.39 8.59 -16.16
CA GLY A 198 -2.01 9.25 -17.30
C GLY A 198 -1.09 10.29 -17.88
N TRP A 199 -1.55 10.91 -18.96
CA TRP A 199 -0.79 11.92 -19.69
C TRP A 199 -1.42 13.28 -19.49
N SER A 200 -0.78 14.30 -20.07
CA SER A 200 -1.28 15.66 -19.98
C SER A 200 -2.19 16.00 -21.16
N ASN A 201 -1.75 15.72 -22.38
CA ASN A 201 -2.54 16.03 -23.56
C ASN A 201 -3.57 14.93 -23.82
N PHE A 202 -4.66 15.32 -24.48
CA PHE A 202 -5.75 14.38 -24.70
C PHE A 202 -5.41 13.31 -25.73
N ASP A 203 -4.33 13.49 -26.49
CA ASP A 203 -3.90 12.50 -27.46
C ASP A 203 -2.82 11.57 -26.91
N GLN A 204 -2.75 11.44 -25.58
CA GLN A 204 -1.77 10.57 -24.94
C GLN A 204 -0.35 10.98 -25.34
N ARG A 205 -0.01 12.22 -25.04
CA ARG A 205 1.31 12.78 -25.38
C ARG A 205 1.65 13.79 -24.29
N GLY A 206 2.91 14.14 -24.12
CA GLY A 206 3.34 15.17 -23.20
C GLY A 206 3.86 14.61 -21.90
N SER A 207 3.73 15.37 -20.82
CA SER A 207 4.22 14.92 -19.53
C SER A 207 3.43 13.70 -19.06
N TYR A 208 4.11 12.81 -18.34
CA TYR A 208 3.52 11.59 -17.84
C TYR A 208 3.83 11.45 -16.35
N GLY A 209 2.85 10.97 -15.60
CA GLY A 209 3.05 10.66 -14.20
C GLY A 209 2.54 11.74 -13.27
N TYR A 210 2.88 11.62 -11.98
CA TYR A 210 2.37 12.56 -10.96
C TYR A 210 2.90 13.97 -11.19
N ASN A 211 3.89 14.18 -12.06
CA ASN A 211 4.35 15.54 -12.29
C ASN A 211 3.26 16.42 -12.87
N THR A 212 2.24 15.85 -13.49
CA THR A 212 1.22 16.64 -14.17
C THR A 212 0.34 17.39 -13.18
N LEU A 213 0.07 16.81 -12.01
CA LEU A 213 -0.88 17.38 -11.06
C LEU A 213 -0.21 18.29 -10.03
N ASN A 214 1.09 18.52 -10.14
CA ASN A 214 1.81 19.34 -9.16
C ASN A 214 1.73 20.79 -9.59
N ASN A 215 0.82 21.55 -8.98
CA ASN A 215 0.65 22.97 -9.26
C ASN A 215 0.39 23.74 -7.98
N LEU A 216 1.17 23.45 -6.94
CA LEU A 216 0.94 24.06 -5.64
C LEU A 216 1.56 25.44 -5.49
N GLY A 217 2.49 25.82 -6.36
CA GLY A 217 3.09 27.14 -6.30
C GLY A 217 4.56 27.14 -5.96
N HIS A 218 5.05 28.22 -5.37
CA HIS A 218 6.46 28.37 -5.05
C HIS A 218 6.61 29.00 -3.67
N ILE A 219 7.82 28.92 -3.14
CA ILE A 219 8.20 29.59 -1.90
C ILE A 219 9.50 30.34 -2.13
N TYR A 220 9.56 31.58 -1.68
CA TYR A 220 10.74 32.42 -1.83
C TYR A 220 11.17 32.94 -0.47
N VAL A 221 12.49 32.99 -0.26
CA VAL A 221 13.07 33.45 0.99
C VAL A 221 14.24 34.37 0.69
N ARG A 222 14.44 35.36 1.56
CA ARG A 222 15.52 36.32 1.39
C ARG A 222 15.81 36.97 2.72
N HIS A 223 17.00 37.56 2.82
CA HIS A 223 17.31 38.46 3.92
C HIS A 223 16.63 39.79 3.68
N VAL A 224 15.97 40.32 4.71
CA VAL A 224 15.17 41.54 4.53
C VAL A 224 16.04 42.66 3.97
N SER A 225 17.00 43.12 4.77
CA SER A 225 17.91 44.16 4.33
C SER A 225 19.35 43.90 4.73
N GLY A 226 19.64 42.76 5.35
CA GLY A 226 21.01 42.45 5.72
C GLY A 226 21.93 42.45 4.52
N SER A 227 23.03 43.20 4.62
CA SER A 227 24.07 43.18 3.58
C SER A 227 25.39 43.43 4.31
N SER A 228 26.05 42.34 4.69
CA SER A 228 27.21 42.43 5.55
C SER A 228 28.44 42.84 4.77
N PRO A 229 29.43 43.43 5.44
CA PRO A 229 30.73 43.63 4.78
C PRO A 229 31.37 42.33 4.34
N HIS A 230 31.09 41.24 5.03
CA HIS A 230 31.60 39.93 4.67
C HIS A 230 30.45 38.94 4.52
N PRO A 231 30.60 37.93 3.67
CA PRO A 231 29.46 37.04 3.39
C PRO A 231 28.99 36.31 4.65
N ILE A 232 27.68 36.12 4.74
CA ILE A 232 27.06 35.30 5.76
C ILE A 232 26.09 34.35 5.07
N THR A 233 26.19 33.07 5.39
CA THR A 233 25.37 32.04 4.78
C THR A 233 24.29 31.58 5.74
N SER A 234 23.09 31.38 5.21
CA SER A 234 21.96 30.93 6.00
C SER A 234 21.35 29.70 5.36
N THR A 235 20.73 28.86 6.19
CA THR A 235 20.07 27.65 5.73
C THR A 235 18.66 27.62 6.28
N ILE A 236 17.73 27.13 5.48
CA ILE A 236 16.32 27.02 5.86
C ILE A 236 15.87 25.60 5.67
N ARG A 237 15.14 25.07 6.65
CA ARG A 237 14.56 23.74 6.58
C ARG A 237 13.05 23.87 6.73
N VAL A 238 12.32 23.12 5.90
CA VAL A 238 10.86 23.17 5.87
C VAL A 238 10.33 21.85 6.38
N TYR A 239 9.37 21.91 7.30
CA TYR A 239 8.80 20.73 7.93
C TYR A 239 7.29 20.70 7.70
N PHE A 240 6.77 19.56 7.29
CA PHE A 240 5.36 19.36 7.04
C PHE A 240 4.79 18.38 8.05
N LYS A 241 3.59 18.67 8.54
CA LYS A 241 2.93 17.84 9.56
C LYS A 241 1.45 17.75 9.24
N PRO A 242 1.00 16.68 8.56
CA PRO A 242 -0.42 16.57 8.23
C PRO A 242 -1.30 16.51 9.46
N LYS A 243 -2.51 17.04 9.33
CA LYS A 243 -3.52 17.02 10.38
C LYS A 243 -4.86 16.62 9.78
N HIS A 244 -5.70 16.02 10.61
CA HIS A 244 -7.07 15.66 10.23
C HIS A 244 -7.05 14.78 8.98
N THR A 245 -6.21 13.75 9.00
CA THR A 245 -5.90 13.00 7.80
C THR A 245 -6.96 11.96 7.48
N ARG A 246 -7.18 11.74 6.18
CA ARG A 246 -7.96 10.62 5.68
C ARG A 246 -7.20 10.02 4.51
N ALA A 247 -7.24 8.68 4.40
CA ALA A 247 -6.48 7.99 3.37
C ALA A 247 -7.35 6.94 2.72
N TRP A 248 -7.02 6.60 1.47
CA TRP A 248 -7.77 5.63 0.69
C TRP A 248 -6.83 4.75 -0.12
N VAL A 249 -7.30 3.54 -0.42
CA VAL A 249 -6.63 2.65 -1.36
C VAL A 249 -5.16 2.44 -0.97
N PRO A 250 -4.87 1.67 0.06
CA PRO A 250 -3.47 1.40 0.39
C PRO A 250 -2.78 0.59 -0.69
N ARG A 251 -1.47 0.79 -0.80
CA ARG A 251 -0.64 0.12 -1.78
C ARG A 251 0.62 -0.39 -1.10
N PRO A 252 1.27 -1.40 -1.68
CA PRO A 252 2.44 -1.97 -1.03
C PRO A 252 3.55 -0.96 -0.91
N PRO A 253 4.34 -1.02 0.16
CA PRO A 253 5.45 -0.07 0.30
C PRO A 253 6.50 -0.29 -0.78
N ARG A 254 7.20 0.79 -1.11
CA ARG A 254 8.24 0.71 -2.12
C ARG A 254 9.40 -0.15 -1.65
N LEU A 255 10.07 -0.80 -2.59
CA LEU A 255 11.21 -1.67 -2.31
C LEU A 255 12.51 -1.15 -2.90
N CYS A 256 12.49 -0.62 -4.11
CA CYS A 256 13.69 -0.14 -4.77
C CYS A 256 13.98 1.29 -4.36
N GLN A 257 15.27 1.64 -4.31
CA GLN A 257 15.66 2.98 -3.92
C GLN A 257 15.17 4.01 -4.92
N TYR A 258 14.82 5.18 -4.42
CA TYR A 258 14.41 6.28 -5.28
C TYR A 258 15.59 6.80 -6.08
N LYS A 259 15.31 7.29 -7.28
CA LYS A 259 16.36 7.84 -8.13
C LYS A 259 15.99 9.16 -8.80
N LYS A 260 14.72 9.52 -8.92
CA LYS A 260 14.31 10.79 -9.52
C LYS A 260 13.24 11.44 -8.65
N ALA A 261 13.25 12.76 -8.64
CA ALA A 261 12.33 13.52 -7.79
C ALA A 261 10.96 13.68 -8.42
N PHE A 262 10.81 13.39 -9.71
CA PHE A 262 9.53 13.58 -10.38
C PHE A 262 9.20 12.38 -11.27
N SER A 263 9.61 11.19 -10.87
CA SER A 263 9.35 10.00 -11.65
C SER A 263 9.42 8.79 -10.73
N VAL A 264 8.90 7.66 -11.23
CA VAL A 264 8.93 6.40 -10.51
C VAL A 264 10.09 5.52 -10.95
N ASP A 265 11.00 6.05 -11.77
CA ASP A 265 12.08 5.23 -12.32
C ASP A 265 12.87 4.56 -11.21
N PHE A 266 13.37 3.37 -11.50
CA PHE A 266 14.08 2.57 -10.51
C PHE A 266 14.96 1.57 -11.23
N THR A 267 15.69 0.78 -10.45
CA THR A 267 16.50 -0.31 -10.95
C THR A 267 16.07 -1.61 -10.29
N PRO A 268 16.02 -2.72 -11.02
CA PRO A 268 15.55 -3.98 -10.40
C PRO A 268 16.37 -4.35 -9.19
N THR A 269 15.70 -4.88 -8.18
CA THR A 269 16.31 -5.22 -6.90
C THR A 269 15.92 -6.64 -6.50
N PRO A 270 16.80 -7.36 -5.80
CA PRO A 270 16.42 -8.67 -5.30
C PRO A 270 15.26 -8.58 -4.33
N ILE A 271 14.45 -9.65 -4.28
CA ILE A 271 13.29 -9.65 -3.41
C ILE A 271 13.72 -9.49 -1.96
N THR A 272 14.75 -10.20 -1.55
CA THR A 272 15.23 -10.14 -0.17
C THR A 272 16.60 -10.80 -0.11
N ASP A 273 17.16 -10.86 1.10
CA ASP A 273 18.48 -11.45 1.29
C ASP A 273 18.39 -12.97 1.26
N THR A 274 19.56 -13.60 1.26
CA THR A 274 19.67 -15.05 1.10
C THR A 274 20.23 -15.69 2.36
N ARG A 275 20.12 -17.02 2.41
CA ARG A 275 20.67 -17.81 3.49
C ARG A 275 21.25 -19.10 2.92
N LYS A 276 21.91 -19.88 3.77
CA LYS A 276 22.66 -21.04 3.30
C LYS A 276 21.77 -22.01 2.56
N ASP A 277 20.66 -22.42 3.16
CA ASP A 277 19.75 -23.36 2.52
C ASP A 277 18.38 -23.22 3.18
N ILE A 278 17.42 -23.98 2.66
CA ILE A 278 16.04 -23.84 3.11
C ILE A 278 15.87 -24.32 4.54
N ASN A 279 16.80 -25.12 5.07
CA ASN A 279 16.69 -25.65 6.42
C ASN A 279 17.50 -24.87 7.44
N THR A 280 18.47 -24.06 7.01
CA THR A 280 19.28 -23.32 7.95
C THR A 280 18.42 -22.40 8.80
N VAL A 281 18.62 -22.44 10.11
CA VAL A 281 17.83 -21.64 11.04
C VAL A 281 18.75 -20.94 12.04
N THR A 282 20.04 -21.23 11.98
CA THR A 282 20.99 -20.62 12.90
C THR A 282 21.35 -19.20 12.46
N SER B 10 -25.21 -26.39 -4.65
CA SER B 10 -23.76 -26.17 -4.72
C SER B 10 -23.44 -24.71 -5.01
N ASP B 11 -22.36 -24.23 -4.41
CA ASP B 11 -21.89 -22.86 -4.61
C ASP B 11 -20.72 -22.79 -5.59
N ARG B 12 -20.42 -23.87 -6.29
CA ARG B 12 -19.34 -23.90 -7.26
C ARG B 12 -19.78 -23.44 -8.64
N VAL B 13 -21.07 -23.14 -8.83
CA VAL B 13 -21.61 -22.74 -10.12
C VAL B 13 -22.08 -21.31 -10.01
N ARG B 14 -21.70 -20.49 -10.99
CA ARG B 14 -22.04 -19.08 -11.02
C ARG B 14 -22.56 -18.72 -12.40
N SER B 15 -23.48 -17.76 -12.43
CA SER B 15 -24.05 -17.28 -13.69
C SER B 15 -24.20 -15.77 -13.62
N ILE B 16 -23.71 -15.07 -14.63
CA ILE B 16 -23.74 -13.61 -14.68
C ILE B 16 -24.39 -13.18 -15.99
N THR B 17 -25.36 -12.28 -15.90
CA THR B 17 -26.13 -11.83 -17.06
C THR B 17 -26.09 -10.31 -17.12
N LEU B 18 -25.40 -9.77 -18.12
CA LEU B 18 -25.33 -8.34 -18.34
C LEU B 18 -25.77 -8.06 -19.77
N GLY B 19 -26.68 -7.12 -19.94
CA GLY B 19 -27.13 -6.77 -21.28
C GLY B 19 -27.68 -7.99 -21.98
N ASN B 20 -27.18 -8.25 -23.19
CA ASN B 20 -27.60 -9.40 -23.98
C ASN B 20 -26.54 -10.49 -24.01
N SER B 21 -25.71 -10.58 -22.97
CA SER B 21 -24.67 -11.60 -22.90
C SER B 21 -24.73 -12.27 -21.54
N THR B 22 -24.33 -13.54 -21.51
CA THR B 22 -24.36 -14.34 -20.30
C THR B 22 -23.06 -15.13 -20.17
N ILE B 23 -22.61 -15.28 -18.94
CA ILE B 23 -21.41 -16.04 -18.62
C ILE B 23 -21.79 -17.10 -17.61
N THR B 24 -21.45 -18.36 -17.90
CA THR B 24 -21.73 -19.48 -17.02
C THR B 24 -20.43 -20.22 -16.74
N THR B 25 -20.10 -20.37 -15.47
CA THR B 25 -18.93 -21.14 -15.05
C THR B 25 -19.39 -22.23 -14.11
N GLN B 26 -19.08 -23.47 -14.46
CA GLN B 26 -19.55 -24.63 -13.71
C GLN B 26 -18.56 -25.05 -12.64
N GLU B 27 -17.43 -24.34 -12.50
CA GLU B 27 -16.40 -24.66 -11.49
C GLU B 27 -15.64 -23.38 -11.15
N CYS B 28 -16.03 -22.67 -10.10
CA CYS B 28 -15.43 -21.35 -9.75
C CYS B 28 -15.52 -21.06 -8.27
N ALA B 29 -14.77 -20.07 -7.79
CA ALA B 29 -14.80 -19.63 -6.38
C ALA B 29 -15.90 -18.59 -6.21
N ASN B 30 -15.85 -17.76 -5.18
CA ASN B 30 -16.85 -16.68 -4.96
C ASN B 30 -16.56 -15.56 -5.96
N VAL B 31 -17.12 -14.37 -5.77
CA VAL B 31 -16.84 -13.19 -6.62
C VAL B 31 -16.33 -12.08 -5.71
N VAL B 32 -15.06 -11.73 -5.78
CA VAL B 32 -14.49 -10.59 -4.99
C VAL B 32 -15.23 -9.35 -5.48
N VAL B 33 -15.46 -8.36 -4.63
CA VAL B 33 -16.28 -7.18 -4.98
C VAL B 33 -15.52 -5.91 -4.58
N GLY B 34 -14.47 -5.54 -5.28
CA GLY B 34 -13.67 -4.34 -4.98
C GLY B 34 -13.38 -4.19 -3.51
N TYR B 35 -13.57 -2.99 -2.97
CA TYR B 35 -13.32 -2.71 -1.54
C TYR B 35 -14.68 -2.78 -0.86
N GLY B 36 -15.48 -3.79 -1.17
CA GLY B 36 -16.81 -4.00 -0.58
C GLY B 36 -17.84 -3.03 -1.11
N ARG B 37 -17.62 -2.39 -2.26
CA ARG B 37 -18.51 -1.38 -2.81
C ARG B 37 -19.02 -1.83 -4.17
N TRP B 38 -20.34 -1.87 -4.32
CA TRP B 38 -20.90 -2.24 -5.60
C TRP B 38 -20.94 -1.02 -6.53
N PRO B 39 -20.75 -1.19 -7.84
CA PRO B 39 -20.84 -0.04 -8.74
C PRO B 39 -22.21 0.62 -8.70
N THR B 40 -22.23 1.94 -8.90
CA THR B 40 -23.48 2.68 -8.84
C THR B 40 -23.34 3.97 -9.63
N TYR B 41 -24.47 4.58 -9.93
CA TYR B 41 -24.50 5.84 -10.65
C TYR B 41 -24.06 6.99 -9.75
N LEU B 42 -23.77 8.13 -10.38
CA LEU B 42 -23.32 9.29 -9.63
C LEU B 42 -24.50 9.99 -8.96
N ARG B 43 -24.31 10.39 -7.71
CA ARG B 43 -25.39 11.02 -6.96
C ARG B 43 -25.46 12.52 -7.29
N ASP B 44 -26.63 13.09 -7.03
CA ASP B 44 -26.86 14.49 -7.34
C ASP B 44 -25.99 15.41 -6.48
N ASP B 45 -25.78 15.04 -5.22
CA ASP B 45 -25.03 15.88 -4.30
C ASP B 45 -23.53 15.73 -4.42
N GLU B 46 -23.05 14.87 -5.31
CA GLU B 46 -21.62 14.68 -5.54
C GLU B 46 -21.17 15.11 -6.94
N ALA B 47 -22.10 15.38 -7.85
CA ALA B 47 -21.74 15.72 -9.21
C ALA B 47 -21.22 17.16 -9.29
N THR B 48 -20.57 17.46 -10.40
CA THR B 48 -20.06 18.80 -10.66
C THR B 48 -20.49 19.34 -12.01
N ALA B 49 -20.52 18.50 -13.05
CA ALA B 49 -20.96 18.96 -14.36
C ALA B 49 -22.44 19.30 -14.33
N GLU B 50 -22.81 20.30 -15.13
CA GLU B 50 -24.17 20.83 -15.09
C GLU B 50 -25.14 20.10 -16.01
N ASP B 51 -24.71 19.78 -17.24
CA ASP B 51 -25.63 19.28 -18.24
C ASP B 51 -26.08 17.85 -17.94
N GLN B 52 -27.15 17.44 -18.61
CA GLN B 52 -27.72 16.12 -18.41
C GLN B 52 -26.74 15.04 -18.90
N PRO B 53 -26.49 13.99 -18.13
CA PRO B 53 -25.68 12.88 -18.61
C PRO B 53 -26.47 11.97 -19.53
N THR B 54 -25.75 11.08 -20.20
CA THR B 54 -26.35 10.04 -21.04
C THR B 54 -26.02 8.69 -20.43
N GLN B 55 -27.02 7.80 -20.39
CA GLN B 55 -26.91 6.52 -19.71
C GLN B 55 -27.35 5.41 -20.67
N PRO B 56 -26.51 5.03 -21.62
CA PRO B 56 -26.89 4.01 -22.62
C PRO B 56 -26.66 2.59 -22.10
N ASP B 57 -27.37 2.24 -21.04
CA ASP B 57 -27.25 0.89 -20.50
C ASP B 57 -27.60 -0.13 -21.59
N VAL B 58 -27.20 -1.37 -21.35
CA VAL B 58 -27.48 -2.47 -22.28
C VAL B 58 -26.61 -2.32 -23.52
N ALA B 59 -26.68 -1.16 -24.18
CA ALA B 59 -25.85 -0.93 -25.35
C ALA B 59 -24.37 -0.99 -24.99
N THR B 60 -24.01 -0.54 -23.79
CA THR B 60 -22.62 -0.50 -23.36
C THR B 60 -22.30 -1.45 -22.21
N CYS B 61 -23.29 -1.81 -21.40
CA CYS B 61 -23.06 -2.67 -20.24
C CYS B 61 -23.26 -4.13 -20.66
N ARG B 62 -22.22 -4.68 -21.27
CA ARG B 62 -22.27 -6.06 -21.74
C ARG B 62 -20.85 -6.59 -21.80
N PHE B 63 -20.74 -7.91 -21.88
CA PHE B 63 -19.42 -8.53 -21.88
C PHE B 63 -18.74 -8.39 -23.23
N TYR B 64 -17.43 -8.13 -23.24
CA TYR B 64 -16.63 -7.99 -24.47
C TYR B 64 -15.36 -8.83 -24.30
N THR B 65 -15.21 -9.92 -25.05
CA THR B 65 -14.01 -10.78 -24.97
C THR B 65 -12.85 -10.01 -25.58
N LEU B 66 -11.73 -9.91 -24.87
CA LEU B 66 -10.58 -9.07 -25.27
C LEU B 66 -9.43 -9.94 -25.77
N ASP B 67 -9.58 -10.60 -26.91
CA ASP B 67 -8.49 -11.42 -27.53
C ASP B 67 -8.09 -12.56 -26.61
N SER B 68 -7.04 -13.31 -26.92
CA SER B 68 -6.60 -14.48 -26.14
C SER B 68 -5.08 -14.63 -26.16
N ILE B 69 -4.47 -15.11 -25.09
CA ILE B 69 -3.01 -15.27 -24.95
C ILE B 69 -2.73 -16.77 -24.90
N LYS B 70 -1.47 -17.18 -25.00
CA LYS B 70 -1.09 -18.61 -24.94
C LYS B 70 -0.15 -18.81 -23.76
N TRP B 71 -0.50 -19.68 -22.84
CA TRP B 71 0.28 -19.94 -21.63
C TRP B 71 1.23 -21.09 -21.89
N GLU B 72 2.52 -20.80 -21.95
CA GLU B 72 3.56 -21.78 -22.18
C GLU B 72 4.28 -22.08 -20.88
N LYS B 73 5.19 -23.05 -20.93
CA LYS B 73 5.96 -23.39 -19.74
C LYS B 73 6.89 -22.24 -19.34
N GLY B 74 7.26 -21.38 -20.28
CA GLY B 74 8.15 -20.27 -20.02
C GLY B 74 7.48 -18.92 -19.89
N SER B 75 6.17 -18.86 -19.79
CA SER B 75 5.48 -17.58 -19.66
C SER B 75 5.84 -16.91 -18.35
N VAL B 76 5.80 -15.58 -18.33
CA VAL B 76 6.21 -14.81 -17.17
C VAL B 76 5.05 -13.96 -16.65
N GLY B 77 4.16 -13.55 -17.54
CA GLY B 77 3.02 -12.75 -17.13
C GLY B 77 2.62 -11.78 -18.22
N TRP B 78 1.50 -11.11 -17.98
CA TRP B 78 0.95 -10.13 -18.92
C TRP B 78 0.22 -9.06 -18.15
N TRP B 79 -0.07 -7.95 -18.82
CA TRP B 79 -0.90 -6.91 -18.23
C TRP B 79 -1.73 -6.23 -19.33
N TRP B 80 -2.88 -5.70 -18.92
CA TRP B 80 -3.72 -4.86 -19.75
C TRP B 80 -4.04 -3.60 -18.97
N LYS B 81 -4.26 -2.50 -19.69
CA LYS B 81 -4.63 -1.23 -19.08
C LYS B 81 -6.02 -0.80 -19.55
N PHE B 82 -6.85 -0.40 -18.59
CA PHE B 82 -8.22 -0.01 -18.84
C PHE B 82 -8.42 1.46 -18.50
N PRO B 83 -9.40 2.12 -19.11
CA PRO B 83 -10.36 1.56 -20.07
C PRO B 83 -9.84 1.57 -21.49
N GLU B 84 -8.57 1.95 -21.68
CA GLU B 84 -8.04 2.06 -23.04
C GLU B 84 -8.09 0.73 -23.77
N ALA B 85 -8.06 -0.39 -23.03
CA ALA B 85 -8.11 -1.70 -23.67
C ALA B 85 -9.37 -1.87 -24.49
N LEU B 86 -10.49 -1.30 -24.05
CA LEU B 86 -11.76 -1.39 -24.75
C LEU B 86 -11.99 -0.19 -25.66
N SER B 87 -10.91 0.42 -26.15
CA SER B 87 -11.06 1.70 -26.86
C SER B 87 -11.86 1.54 -28.14
N ASP B 88 -11.80 0.38 -28.78
CA ASP B 88 -12.43 0.16 -30.08
C ASP B 88 -13.31 -1.09 -30.03
N MET B 89 -14.14 -1.18 -29.00
CA MET B 89 -14.97 -2.35 -28.74
C MET B 89 -16.43 -1.92 -28.68
N GLY B 90 -17.12 -2.00 -29.81
CA GLY B 90 -18.54 -1.76 -29.82
C GLY B 90 -18.90 -0.31 -29.51
N LEU B 91 -20.15 -0.12 -29.10
CA LEU B 91 -20.65 1.22 -28.80
C LEU B 91 -19.94 1.85 -27.62
N PHE B 92 -19.32 1.06 -26.75
CA PHE B 92 -18.54 1.63 -25.67
C PHE B 92 -17.43 2.52 -26.21
N GLY B 93 -16.72 2.04 -27.23
CA GLY B 93 -15.67 2.84 -27.82
C GLY B 93 -16.19 4.12 -28.46
N GLN B 94 -17.32 4.01 -29.17
CA GLN B 94 -17.88 5.19 -29.80
C GLN B 94 -18.28 6.23 -28.76
N ASN B 95 -18.96 5.80 -27.70
CA ASN B 95 -19.36 6.73 -26.65
C ASN B 95 -18.15 7.37 -26.01
N MET B 96 -17.10 6.58 -25.75
CA MET B 96 -15.91 7.14 -25.15
C MET B 96 -15.26 8.16 -26.08
N GLN B 97 -15.27 7.88 -27.38
CA GLN B 97 -14.70 8.83 -28.33
C GLN B 97 -15.47 10.14 -28.36
N TYR B 98 -16.80 10.06 -28.34
CA TYR B 98 -17.62 11.24 -28.58
C TYR B 98 -17.86 12.10 -27.35
N HIS B 99 -17.34 11.71 -26.19
CA HIS B 99 -17.64 12.41 -24.95
C HIS B 99 -16.38 12.85 -24.25
N TYR B 100 -16.48 14.00 -23.56
CA TYR B 100 -15.34 14.53 -22.83
C TYR B 100 -15.13 13.80 -21.50
N LEU B 101 -16.22 13.44 -20.82
CA LEU B 101 -16.14 12.82 -19.51
C LEU B 101 -16.84 11.47 -19.51
N GLY B 102 -16.33 10.57 -18.69
CA GLY B 102 -16.91 9.24 -18.57
C GLY B 102 -16.75 8.70 -17.17
N ARG B 103 -17.53 7.66 -16.87
CA ARG B 103 -17.54 7.06 -15.54
C ARG B 103 -18.18 5.68 -15.60
N ALA B 104 -17.50 4.66 -15.11
CA ALA B 104 -18.07 3.32 -15.17
C ALA B 104 -17.23 2.36 -14.34
N GLY B 105 -17.91 1.43 -13.67
CA GLY B 105 -17.26 0.28 -13.07
C GLY B 105 -17.19 -0.89 -14.04
N TYR B 106 -16.50 -1.93 -13.63
CA TYR B 106 -16.23 -3.06 -14.51
C TYR B 106 -16.37 -4.38 -13.76
N THR B 107 -16.65 -5.43 -14.53
CA THR B 107 -16.66 -6.80 -14.04
C THR B 107 -15.69 -7.61 -14.89
N ILE B 108 -14.61 -8.08 -14.29
CA ILE B 108 -13.55 -8.77 -15.00
C ILE B 108 -13.66 -10.26 -14.73
N HIS B 109 -13.68 -11.05 -15.80
CA HIS B 109 -13.76 -12.50 -15.71
C HIS B 109 -12.64 -13.10 -16.55
N VAL B 110 -11.76 -13.86 -15.92
CA VAL B 110 -10.55 -14.43 -16.60
C VAL B 110 -10.68 -15.95 -16.57
N GLN B 111 -10.80 -16.58 -17.73
CA GLN B 111 -11.02 -18.05 -17.83
C GLN B 111 -9.71 -18.76 -18.12
N CYS B 112 -9.52 -19.97 -17.62
CA CYS B 112 -8.31 -20.80 -17.87
C CYS B 112 -8.65 -22.21 -17.35
N ASN B 113 -8.76 -23.19 -18.22
CA ASN B 113 -9.16 -24.55 -17.88
C ASN B 113 -8.10 -25.54 -18.35
N ALA B 114 -7.88 -26.57 -17.54
CA ALA B 114 -6.92 -27.62 -17.86
C ALA B 114 -7.34 -28.89 -17.16
N SER B 115 -6.79 -30.01 -17.63
CA SER B 115 -7.17 -31.31 -17.10
C SER B 115 -6.76 -31.44 -15.64
N LYS B 116 -7.16 -32.56 -15.04
CA LYS B 116 -6.77 -32.85 -13.66
C LYS B 116 -5.28 -33.11 -13.51
N PHE B 117 -4.58 -33.41 -14.61
CA PHE B 117 -3.18 -33.78 -14.54
C PHE B 117 -2.23 -32.60 -14.78
N HIS B 118 -2.76 -31.41 -14.96
CA HIS B 118 -1.95 -30.21 -15.08
C HIS B 118 -1.77 -29.56 -13.71
N GLN B 119 -0.69 -28.79 -13.57
CA GLN B 119 -0.45 -28.05 -12.34
C GLN B 119 0.02 -26.65 -12.68
N GLY B 120 -0.36 -25.70 -11.84
CA GLY B 120 -0.02 -24.31 -12.04
C GLY B 120 -0.90 -23.42 -11.19
N CYS B 121 -0.47 -22.16 -11.08
CA CYS B 121 -1.20 -21.19 -10.27
C CYS B 121 -0.99 -19.79 -10.86
N LEU B 122 -2.09 -19.05 -10.98
CA LEU B 122 -2.07 -17.70 -11.52
C LEU B 122 -2.56 -16.72 -10.46
N LEU B 123 -2.07 -15.49 -10.54
CA LEU B 123 -2.54 -14.40 -9.69
C LEU B 123 -3.22 -13.37 -10.59
N VAL B 124 -4.49 -13.08 -10.29
CA VAL B 124 -5.27 -12.09 -11.02
C VAL B 124 -5.53 -10.93 -10.07
N VAL B 125 -5.14 -9.73 -10.48
CA VAL B 125 -5.19 -8.57 -9.60
C VAL B 125 -5.42 -7.33 -10.43
N CYS B 126 -6.24 -6.42 -9.91
CA CYS B 126 -6.49 -5.12 -10.52
C CYS B 126 -5.82 -4.05 -9.69
N VAL B 127 -4.89 -3.33 -10.28
CA VAL B 127 -4.06 -2.36 -9.59
C VAL B 127 -4.52 -0.96 -10.03
N PRO B 128 -5.20 -0.20 -9.17
CA PRO B 128 -5.56 1.17 -9.54
C PRO B 128 -4.35 2.08 -9.53
N GLU B 129 -4.29 2.98 -10.52
CA GLU B 129 -3.20 3.93 -10.64
C GLU B 129 -1.85 3.23 -10.66
N ALA B 130 -1.72 2.27 -11.58
CA ALA B 130 -0.49 1.49 -11.70
C ALA B 130 0.52 2.24 -12.56
N GLU B 131 1.09 3.28 -11.96
CA GLU B 131 2.12 4.06 -12.64
C GLU B 131 3.38 3.21 -12.81
N MET B 132 4.03 3.35 -13.96
CA MET B 132 5.18 2.54 -14.31
C MET B 132 6.36 3.43 -14.65
N GLY B 133 7.56 2.89 -14.44
CA GLY B 133 8.79 3.62 -14.70
C GLY B 133 9.48 3.13 -15.96
N GLY B 134 10.28 4.02 -16.56
CA GLY B 134 10.95 3.67 -17.79
C GLY B 134 12.08 2.68 -17.59
N ALA B 135 12.46 2.03 -18.68
CA ALA B 135 13.54 1.04 -18.61
C ALA B 135 14.85 1.69 -18.22
N VAL B 136 15.15 2.86 -18.77
CA VAL B 136 16.37 3.59 -18.47
C VAL B 136 15.97 4.82 -17.66
N VAL B 137 16.55 4.95 -16.47
CA VAL B 137 16.17 6.06 -15.58
C VAL B 137 16.42 7.37 -16.29
N GLY B 138 15.53 8.34 -16.06
CA GLY B 138 15.65 9.64 -16.67
C GLY B 138 15.51 9.59 -18.17
N GLN B 139 14.53 8.83 -18.66
CA GLN B 139 14.30 8.71 -20.10
C GLN B 139 12.82 8.50 -20.32
N ALA B 140 12.20 9.34 -21.14
CA ALA B 140 10.78 9.25 -21.38
C ALA B 140 10.47 8.20 -22.44
N PHE B 141 9.24 7.72 -22.42
CA PHE B 141 8.75 6.74 -23.37
C PHE B 141 7.40 7.17 -23.91
N SER B 142 7.09 6.72 -25.12
CA SER B 142 5.83 7.08 -25.77
C SER B 142 4.69 6.27 -25.18
N ALA B 143 3.46 6.63 -25.55
CA ALA B 143 2.28 5.91 -25.09
C ALA B 143 1.99 4.71 -25.98
N THR B 144 3.02 3.92 -26.22
CA THR B 144 2.89 2.70 -27.03
C THR B 144 3.56 1.49 -26.40
N ALA B 145 4.51 1.67 -25.48
CA ALA B 145 5.13 0.58 -24.77
C ALA B 145 4.35 0.16 -23.54
N MET B 146 3.19 0.76 -23.29
CA MET B 146 2.40 0.46 -22.12
C MET B 146 0.91 0.28 -22.39
N ALA B 147 0.42 0.70 -23.56
CA ALA B 147 -0.96 0.41 -23.94
C ALA B 147 -1.19 0.67 -25.42
N ASN B 148 -1.63 -0.35 -26.15
CA ASN B 148 -1.84 -0.24 -27.60
C ASN B 148 -3.15 -0.94 -27.99
N GLY B 149 -4.20 -0.68 -27.24
CA GLY B 149 -5.49 -1.30 -27.52
C GLY B 149 -5.74 -2.52 -26.68
N ASP B 150 -6.27 -3.58 -27.28
CA ASP B 150 -6.57 -4.80 -26.54
C ASP B 150 -5.42 -5.79 -26.47
N LYS B 151 -4.33 -5.55 -27.19
CA LYS B 151 -3.22 -6.50 -27.17
C LYS B 151 -2.56 -6.52 -25.80
N ALA B 152 -2.20 -7.72 -25.36
CA ALA B 152 -1.55 -7.91 -24.07
C ALA B 152 -0.06 -7.60 -24.18
N TYR B 153 0.54 -7.21 -23.06
CA TYR B 153 1.95 -6.89 -22.98
C TYR B 153 2.68 -7.92 -22.14
N GLU B 154 3.93 -8.20 -22.51
CA GLU B 154 4.72 -9.25 -21.91
C GLU B 154 5.61 -8.71 -20.81
N PHE B 155 5.61 -9.38 -19.67
CA PHE B 155 6.65 -9.15 -18.68
C PHE B 155 7.92 -9.88 -19.10
N THR B 156 9.03 -9.55 -18.44
CA THR B 156 10.32 -10.15 -18.75
C THR B 156 10.96 -10.66 -17.48
N SER B 157 11.58 -11.83 -17.57
CA SER B 157 12.28 -12.39 -16.42
C SER B 157 13.55 -11.60 -16.12
N ALA B 158 14.31 -11.25 -17.14
CA ALA B 158 15.54 -10.48 -16.98
C ALA B 158 15.24 -8.98 -16.99
N THR B 159 16.20 -8.20 -16.53
CA THR B 159 16.03 -6.76 -16.50
C THR B 159 15.97 -6.20 -17.91
N GLN B 160 15.02 -5.28 -18.13
CA GLN B 160 14.88 -4.67 -19.44
C GLN B 160 16.05 -3.76 -19.76
N SER B 161 16.40 -3.70 -21.03
CA SER B 161 17.52 -2.88 -21.50
C SER B 161 17.14 -1.85 -22.55
N ASP B 162 16.18 -2.15 -23.42
CA ASP B 162 15.76 -1.19 -24.43
C ASP B 162 15.19 0.06 -23.76
N GLN B 163 15.59 1.22 -24.26
CA GLN B 163 15.19 2.48 -23.63
C GLN B 163 13.82 2.95 -24.07
N THR B 164 13.23 2.34 -25.09
CA THR B 164 11.94 2.79 -25.60
C THR B 164 10.75 2.07 -24.97
N LYS B 165 10.97 1.23 -23.98
CA LYS B 165 9.89 0.49 -23.36
C LYS B 165 10.05 0.47 -21.84
N VAL B 166 8.99 0.05 -21.17
CA VAL B 166 8.93 0.10 -19.72
C VAL B 166 9.81 -1.02 -19.13
N GLN B 167 10.25 -0.80 -17.89
CA GLN B 167 10.99 -1.81 -17.16
C GLN B 167 10.08 -3.00 -16.89
N THR B 168 10.41 -4.16 -17.46
CA THR B 168 9.55 -5.33 -17.41
C THR B 168 10.02 -6.37 -16.40
N ALA B 169 10.96 -6.04 -15.52
CA ALA B 169 11.40 -6.99 -14.51
C ALA B 169 10.21 -7.49 -13.70
N ILE B 170 9.97 -8.80 -13.77
CA ILE B 170 8.75 -9.36 -13.18
C ILE B 170 8.75 -9.18 -11.67
N HIS B 171 9.87 -9.48 -11.01
CA HIS B 171 9.86 -9.51 -9.55
C HIS B 171 9.59 -8.13 -8.95
N ASN B 172 9.72 -7.06 -9.72
CA ASN B 172 9.39 -5.73 -9.24
C ASN B 172 8.06 -5.21 -9.77
N ALA B 173 7.41 -5.95 -10.67
CA ALA B 173 6.09 -5.58 -11.20
C ALA B 173 6.12 -4.27 -11.97
N GLY B 174 7.30 -3.81 -12.38
CA GLY B 174 7.39 -2.56 -13.12
C GLY B 174 6.90 -1.37 -12.34
N MET B 175 6.85 -1.51 -11.01
CA MET B 175 6.36 -0.45 -10.14
C MET B 175 7.30 -0.17 -8.98
N GLY B 176 8.43 -0.88 -8.89
CA GLY B 176 9.33 -0.66 -7.78
C GLY B 176 8.86 -1.22 -6.46
N VAL B 177 7.97 -2.20 -6.47
CA VAL B 177 7.45 -2.80 -5.26
C VAL B 177 7.59 -4.32 -5.35
N GLY B 178 7.65 -4.96 -4.20
CA GLY B 178 7.74 -6.40 -4.13
C GLY B 178 6.54 -7.07 -4.76
N VAL B 179 6.78 -7.98 -5.71
CA VAL B 179 5.67 -8.60 -6.43
C VAL B 179 4.79 -9.39 -5.47
N GLY B 180 5.38 -9.94 -4.41
CA GLY B 180 4.61 -10.73 -3.47
C GLY B 180 3.62 -9.94 -2.65
N ASN B 181 3.74 -8.62 -2.64
CA ASN B 181 2.86 -7.78 -1.84
C ASN B 181 1.64 -7.28 -2.62
N LEU B 182 1.45 -7.73 -3.85
CA LEU B 182 0.30 -7.28 -4.62
C LEU B 182 -1.00 -7.80 -4.06
N THR B 183 -0.96 -8.72 -3.09
CA THR B 183 -2.16 -9.25 -2.50
C THR B 183 -3.04 -8.18 -1.88
N ILE B 184 -2.47 -7.02 -1.55
CA ILE B 184 -3.25 -5.97 -0.90
C ILE B 184 -4.40 -5.51 -1.80
N TYR B 185 -4.15 -5.45 -3.11
CA TYR B 185 -5.20 -5.05 -4.03
C TYR B 185 -6.24 -6.15 -4.18
N PRO B 186 -7.43 -5.81 -4.69
CA PRO B 186 -8.41 -6.86 -4.99
C PRO B 186 -7.82 -7.87 -5.96
N HIS B 187 -8.08 -9.14 -5.71
CA HIS B 187 -7.38 -10.19 -6.46
C HIS B 187 -8.09 -11.51 -6.28
N GLN B 188 -7.64 -12.50 -7.04
CA GLN B 188 -8.08 -13.88 -6.91
C GLN B 188 -6.98 -14.77 -7.48
N TRP B 189 -7.01 -16.04 -7.09
CA TRP B 189 -6.06 -17.03 -7.57
C TRP B 189 -6.78 -18.05 -8.43
N ILE B 190 -6.17 -18.42 -9.54
CA ILE B 190 -6.65 -19.51 -10.38
C ILE B 190 -5.70 -20.68 -10.18
N ASN B 191 -6.11 -21.62 -9.32
CA ASN B 191 -5.33 -22.81 -9.03
C ASN B 191 -5.94 -23.98 -9.79
N LEU B 192 -5.17 -24.58 -10.69
CA LEU B 192 -5.71 -25.59 -11.58
C LEU B 192 -6.26 -26.79 -10.82
N ARG B 193 -5.84 -27.00 -9.57
CA ARG B 193 -6.41 -28.09 -8.79
C ARG B 193 -7.89 -27.91 -8.57
N THR B 194 -8.31 -26.68 -8.23
CA THR B 194 -9.65 -26.46 -7.70
C THR B 194 -10.34 -25.23 -8.27
N ASN B 195 -9.95 -24.74 -9.43
CA ASN B 195 -10.52 -23.51 -9.95
C ASN B 195 -10.35 -23.45 -11.45
N ASN B 196 -11.22 -22.67 -12.11
CA ASN B 196 -11.14 -22.47 -13.54
C ASN B 196 -11.30 -21.03 -13.97
N SER B 197 -11.78 -20.14 -13.11
CA SER B 197 -11.97 -18.75 -13.49
C SER B 197 -11.97 -17.89 -12.25
N ALA B 198 -11.70 -16.59 -12.45
CA ALA B 198 -11.71 -15.62 -11.38
C ALA B 198 -12.59 -14.45 -11.78
N THR B 199 -13.42 -13.98 -10.86
CA THR B 199 -14.35 -12.89 -11.11
C THR B 199 -14.07 -11.77 -10.12
N ILE B 200 -13.92 -10.55 -10.64
CA ILE B 200 -13.67 -9.38 -9.82
C ILE B 200 -14.62 -8.27 -10.27
N VAL B 201 -15.27 -7.64 -9.31
CA VAL B 201 -16.14 -6.50 -9.57
C VAL B 201 -15.44 -5.25 -9.03
N MET B 202 -15.07 -4.35 -9.93
CA MET B 202 -14.27 -3.19 -9.57
C MET B 202 -15.11 -1.93 -9.64
N PRO B 203 -15.37 -1.25 -8.52
CA PRO B 203 -16.09 0.02 -8.59
C PRO B 203 -15.20 1.12 -9.15
N TYR B 204 -15.82 2.26 -9.44
CA TYR B 204 -15.10 3.40 -9.99
C TYR B 204 -14.30 4.07 -8.88
N ILE B 205 -12.98 4.02 -9.00
CA ILE B 205 -12.07 4.59 -8.00
C ILE B 205 -11.27 5.69 -8.65
N ASN B 206 -11.37 6.89 -8.11
CA ASN B 206 -10.65 8.04 -8.64
C ASN B 206 -10.81 9.19 -7.65
N SER B 207 -9.97 10.21 -7.82
CA SER B 207 -10.00 11.38 -6.94
C SER B 207 -11.01 12.43 -7.39
N VAL B 208 -11.73 12.19 -8.50
CA VAL B 208 -12.72 13.15 -8.98
C VAL B 208 -13.95 12.39 -9.45
N PRO B 209 -15.09 13.06 -9.50
CA PRO B 209 -16.33 12.35 -9.88
C PRO B 209 -16.26 11.72 -11.26
N MET B 210 -15.59 12.35 -12.21
CA MET B 210 -15.51 11.84 -13.58
C MET B 210 -14.16 12.21 -14.16
N ASP B 211 -13.77 11.51 -15.22
CA ASP B 211 -12.52 11.84 -15.88
C ASP B 211 -12.55 11.34 -17.31
N ASN B 212 -11.70 11.94 -18.14
CA ASN B 212 -11.56 11.52 -19.52
C ASN B 212 -10.91 10.15 -19.60
N MET B 213 -11.43 9.28 -20.46
CA MET B 213 -10.95 7.91 -20.54
C MET B 213 -9.82 7.72 -21.56
N PHE B 214 -9.46 8.76 -22.32
CA PHE B 214 -8.33 8.66 -23.22
C PHE B 214 -7.04 9.13 -22.59
N ARG B 215 -7.12 9.96 -21.55
CA ARG B 215 -5.95 10.55 -20.92
C ARG B 215 -5.54 9.87 -19.63
N HIS B 216 -6.43 9.09 -19.02
CA HIS B 216 -6.20 8.55 -17.69
C HIS B 216 -6.47 7.05 -17.71
N TYR B 217 -5.52 6.27 -17.21
CA TYR B 217 -5.68 4.83 -17.08
C TYR B 217 -6.22 4.54 -15.69
N ASN B 218 -7.50 4.17 -15.61
CA ASN B 218 -8.14 4.01 -14.31
C ASN B 218 -7.45 2.93 -13.49
N PHE B 219 -7.22 1.77 -14.07
CA PHE B 219 -6.58 0.67 -13.35
C PHE B 219 -5.97 -0.28 -14.35
N THR B 220 -5.08 -1.13 -13.85
CA THR B 220 -4.33 -2.08 -14.66
C THR B 220 -4.62 -3.50 -14.19
N LEU B 221 -4.78 -4.41 -15.14
CA LEU B 221 -5.02 -5.82 -14.85
C LEU B 221 -3.73 -6.59 -15.10
N MET B 222 -3.36 -7.42 -14.13
CA MET B 222 -2.12 -8.20 -14.19
C MET B 222 -2.41 -9.66 -13.96
N VAL B 223 -1.78 -10.52 -14.76
CA VAL B 223 -1.85 -11.96 -14.60
C VAL B 223 -0.43 -12.48 -14.51
N ILE B 224 -0.08 -13.10 -13.38
CA ILE B 224 1.28 -13.50 -13.09
C ILE B 224 1.28 -14.97 -12.68
N PRO B 225 1.99 -15.86 -13.38
CA PRO B 225 2.09 -17.25 -12.93
C PRO B 225 3.12 -17.39 -11.82
N PHE B 226 2.64 -17.62 -10.60
CA PHE B 226 3.54 -17.83 -9.47
C PHE B 226 4.15 -19.22 -9.50
N VAL B 227 3.37 -20.22 -9.91
CA VAL B 227 3.85 -21.58 -10.07
C VAL B 227 3.75 -21.92 -11.54
N LYS B 228 4.89 -22.14 -12.18
CA LYS B 228 4.91 -22.30 -13.63
C LYS B 228 4.14 -23.54 -14.05
N LEU B 229 3.55 -23.47 -15.24
CA LEU B 229 2.77 -24.58 -15.75
C LEU B 229 3.64 -25.81 -15.94
N ASP B 230 3.07 -26.99 -15.71
CA ASP B 230 3.79 -28.23 -15.88
C ASP B 230 2.83 -29.34 -16.24
N TYR B 231 3.33 -30.30 -17.01
CA TYR B 231 2.56 -31.46 -17.44
C TYR B 231 3.54 -32.46 -18.02
N ALA B 232 3.04 -33.65 -18.35
CA ALA B 232 3.88 -34.70 -18.90
C ALA B 232 3.05 -35.66 -19.73
N ASP B 233 3.57 -36.00 -20.91
CA ASP B 233 2.99 -37.04 -21.76
C ASP B 233 1.52 -36.72 -22.06
N THR B 234 1.33 -35.65 -22.82
CA THR B 234 0.02 -35.27 -23.28
C THR B 234 0.16 -34.55 -24.62
N ALA B 235 -0.92 -34.56 -25.40
CA ALA B 235 -0.91 -33.95 -26.71
C ALA B 235 -1.19 -32.45 -26.67
N SER B 236 -1.59 -31.90 -25.53
CA SER B 236 -1.85 -30.48 -25.40
C SER B 236 -0.55 -29.77 -25.04
N THR B 237 -0.17 -28.77 -25.85
CA THR B 237 1.10 -28.09 -25.67
C THR B 237 0.99 -26.77 -24.94
N TYR B 238 -0.20 -26.19 -24.83
CA TYR B 238 -0.36 -24.91 -24.16
C TYR B 238 -1.78 -24.79 -23.63
N VAL B 239 -1.96 -23.86 -22.70
CA VAL B 239 -3.26 -23.64 -22.06
C VAL B 239 -3.73 -22.24 -22.42
N PRO B 240 -4.70 -22.08 -23.31
CA PRO B 240 -5.17 -20.73 -23.65
C PRO B 240 -5.76 -20.02 -22.45
N ILE B 241 -5.61 -18.70 -22.43
CA ILE B 241 -6.20 -17.84 -21.40
C ILE B 241 -7.01 -16.75 -22.08
N THR B 242 -8.21 -16.50 -21.57
CA THR B 242 -9.12 -15.52 -22.14
C THR B 242 -9.58 -14.56 -21.06
N VAL B 243 -9.81 -13.31 -21.45
CA VAL B 243 -10.23 -12.25 -20.54
C VAL B 243 -11.50 -11.63 -21.09
N THR B 244 -12.48 -11.44 -20.21
CA THR B 244 -13.76 -10.84 -20.57
C THR B 244 -14.07 -9.73 -19.59
N VAL B 245 -14.55 -8.59 -20.10
CA VAL B 245 -14.83 -7.42 -19.30
C VAL B 245 -16.22 -6.89 -19.66
N ALA B 246 -16.84 -6.20 -18.71
CA ALA B 246 -18.16 -5.65 -18.91
C ALA B 246 -18.36 -4.38 -18.09
N PRO B 247 -18.46 -3.22 -18.72
CA PRO B 247 -18.73 -2.00 -17.95
C PRO B 247 -20.08 -2.08 -17.25
N MET B 248 -20.16 -1.43 -16.09
CA MET B 248 -21.38 -1.41 -15.30
C MET B 248 -21.71 0.02 -14.91
N CYS B 249 -22.99 0.38 -15.02
CA CYS B 249 -23.47 1.70 -14.63
C CYS B 249 -22.64 2.81 -15.30
N ALA B 250 -22.42 2.65 -16.59
CA ALA B 250 -21.64 3.63 -17.35
C ALA B 250 -22.50 4.82 -17.72
N GLU B 251 -21.93 6.02 -17.55
CA GLU B 251 -22.61 7.24 -17.95
C GLU B 251 -21.57 8.21 -18.47
N TYR B 252 -21.92 8.94 -19.51
CA TYR B 252 -21.01 9.85 -20.19
C TYR B 252 -21.56 11.27 -20.13
N ASN B 253 -20.71 12.23 -20.48
CA ASN B 253 -21.10 13.62 -20.40
C ASN B 253 -20.12 14.47 -21.20
N GLY B 254 -20.58 15.65 -21.60
CA GLY B 254 -19.76 16.55 -22.38
C GLY B 254 -19.63 16.13 -23.83
N LEU B 255 -20.73 16.15 -24.57
CA LEU B 255 -20.70 15.74 -25.96
C LEU B 255 -19.87 16.70 -26.79
N ARG B 256 -19.02 16.17 -27.65
CA ARG B 256 -18.11 16.98 -28.48
C ARG B 256 -17.90 16.22 -29.77
N LEU B 257 -17.18 16.79 -30.71
CA LEU B 257 -16.84 16.11 -31.95
C LEU B 257 -15.93 14.92 -31.67
N ALA B 258 -16.01 13.91 -32.55
CA ALA B 258 -15.28 12.67 -32.36
C ALA B 258 -13.79 12.91 -32.39
N GLN B 259 -13.07 12.28 -31.46
CA GLN B 259 -11.62 12.40 -31.39
C GLN B 259 -10.96 11.62 -32.52
N LEU C 2 -1.34 40.88 33.52
CA LEU C 2 -1.48 39.53 34.06
C LEU C 2 -0.11 38.90 34.27
N PRO C 3 0.35 38.81 35.52
CA PRO C 3 1.68 38.23 35.76
C PRO C 3 1.77 36.80 35.26
N THR C 4 2.93 36.46 34.69
CA THR C 4 3.18 35.12 34.20
C THR C 4 4.68 34.83 34.30
N MET C 5 5.01 33.54 34.29
CA MET C 5 6.39 33.10 34.25
C MET C 5 6.52 31.94 33.28
N ASN C 6 7.56 31.98 32.46
CA ASN C 6 7.77 30.94 31.46
C ASN C 6 8.47 29.74 32.08
N THR C 7 7.91 28.57 31.89
CA THR C 7 8.50 27.34 32.38
C THR C 7 9.51 26.80 31.38
N PRO C 8 10.37 25.89 31.80
CA PRO C 8 11.32 25.28 30.86
C PRO C 8 10.58 24.61 29.71
N GLY C 9 11.18 24.69 28.53
CA GLY C 9 10.57 24.16 27.32
C GLY C 9 9.93 25.20 26.43
N SER C 10 9.87 26.45 26.86
CA SER C 10 9.34 27.50 26.02
C SER C 10 10.23 27.72 24.81
N THR C 11 9.60 28.03 23.67
CA THR C 11 10.27 28.35 22.43
C THR C 11 10.99 27.16 21.82
N GLN C 12 10.76 25.95 22.31
CA GLN C 12 11.33 24.76 21.71
C GLN C 12 10.42 24.24 20.62
N PHE C 13 10.99 23.52 19.67
CA PHE C 13 10.25 22.93 18.56
C PHE C 13 10.30 21.41 18.72
N LEU C 14 9.19 20.82 19.14
CA LEU C 14 9.07 19.38 19.30
C LEU C 14 8.28 18.83 18.12
N THR C 15 8.86 17.87 17.40
CA THR C 15 8.28 17.42 16.15
C THR C 15 6.99 16.65 16.34
N SER C 16 6.63 16.26 17.56
CA SER C 16 5.42 15.48 17.82
C SER C 16 4.49 16.21 18.78
N ASP C 17 4.39 17.53 18.66
CA ASP C 17 3.53 18.32 19.53
C ASP C 17 2.18 18.57 18.86
N ASP C 18 1.22 19.02 19.68
CA ASP C 18 -0.13 19.33 19.22
C ASP C 18 -0.51 20.71 19.74
N PHE C 19 -0.38 21.73 18.91
CA PHE C 19 -0.72 23.09 19.28
C PHE C 19 -1.50 23.75 18.16
N GLN C 20 -2.32 24.73 18.52
CA GLN C 20 -3.03 25.52 17.53
C GLN C 20 -2.11 26.60 16.98
N SER C 21 -2.28 26.92 15.70
CA SER C 21 -1.47 27.92 15.02
C SER C 21 -2.35 28.71 14.07
N PRO C 22 -1.95 29.93 13.74
CA PRO C 22 -2.77 30.74 12.84
C PRO C 22 -2.85 30.15 11.45
N CYS C 23 -3.95 30.45 10.76
CA CYS C 23 -4.15 30.00 9.39
C CYS C 23 -3.69 31.08 8.42
N ALA C 24 -2.93 30.66 7.41
CA ALA C 24 -2.36 31.61 6.45
C ALA C 24 -3.34 32.00 5.34
N LEU C 25 -4.45 31.30 5.20
CA LEU C 25 -5.45 31.56 4.16
C LEU C 25 -6.80 31.67 4.82
N PRO C 26 -7.10 32.80 5.47
CA PRO C 26 -8.35 32.90 6.23
C PRO C 26 -9.57 32.73 5.33
N GLN C 27 -10.60 32.08 5.89
CA GLN C 27 -11.86 31.89 5.21
C GLN C 27 -11.68 31.22 3.85
N PHE C 28 -10.85 30.19 3.81
CA PHE C 28 -10.67 29.42 2.59
C PHE C 28 -11.76 28.37 2.49
N ASP C 29 -12.33 28.22 1.29
CA ASP C 29 -13.42 27.28 1.05
C ASP C 29 -12.83 25.98 0.50
N VAL C 30 -12.91 24.91 1.30
CA VAL C 30 -12.34 23.64 0.88
C VAL C 30 -13.31 22.91 -0.05
N THR C 31 -12.75 22.05 -0.89
CA THR C 31 -13.58 21.30 -1.83
C THR C 31 -14.46 20.31 -1.07
N PRO C 32 -15.70 20.11 -1.52
CA PRO C 32 -16.57 19.15 -0.81
C PRO C 32 -15.98 17.76 -0.79
N SER C 33 -16.22 17.06 0.30
CA SER C 33 -15.71 15.70 0.46
C SER C 33 -16.50 14.73 -0.41
N MET C 34 -15.84 13.65 -0.80
CA MET C 34 -16.45 12.57 -1.57
C MET C 34 -16.00 11.24 -0.97
N ASN C 35 -16.92 10.29 -0.88
CA ASN C 35 -16.61 9.00 -0.27
C ASN C 35 -16.00 8.08 -1.32
N ILE C 36 -14.69 8.17 -1.45
CA ILE C 36 -13.96 7.27 -2.34
C ILE C 36 -13.97 5.87 -1.74
N PRO C 37 -14.15 4.82 -2.54
CA PRO C 37 -14.12 3.47 -1.97
C PRO C 37 -12.75 3.12 -1.42
N GLY C 38 -12.74 2.33 -0.35
CA GLY C 38 -11.53 1.79 0.21
C GLY C 38 -10.85 2.63 1.27
N GLU C 39 -11.61 3.34 2.10
CA GLU C 39 -11.00 4.13 3.16
C GLU C 39 -10.32 3.23 4.17
N VAL C 40 -9.14 3.64 4.63
CA VAL C 40 -8.35 2.92 5.61
C VAL C 40 -8.17 3.82 6.82
N LYS C 41 -8.42 3.29 8.01
CA LYS C 41 -8.36 4.08 9.23
C LYS C 41 -7.35 3.54 10.25
N ASN C 42 -6.61 2.49 9.92
CA ASN C 42 -5.64 1.95 10.85
C ASN C 42 -4.72 0.99 10.11
N LEU C 43 -3.40 1.14 10.34
CA LEU C 43 -2.44 0.32 9.61
C LEU C 43 -2.62 -1.16 9.88
N MET C 44 -3.21 -1.52 11.02
CA MET C 44 -3.47 -2.93 11.28
C MET C 44 -4.38 -3.53 10.23
N GLU C 45 -5.34 -2.76 9.71
CA GLU C 45 -6.18 -3.28 8.64
C GLU C 45 -5.33 -3.78 7.48
N ILE C 46 -4.29 -3.04 7.12
CA ILE C 46 -3.34 -3.51 6.13
C ILE C 46 -2.60 -4.74 6.65
N ALA C 47 -2.17 -4.70 7.91
CA ALA C 47 -1.33 -5.76 8.45
C ALA C 47 -2.02 -7.12 8.45
N GLU C 48 -3.34 -7.16 8.45
CA GLU C 48 -4.07 -8.42 8.50
C GLU C 48 -4.31 -9.04 7.14
N VAL C 49 -3.85 -8.42 6.07
CA VAL C 49 -4.01 -8.97 4.73
C VAL C 49 -2.86 -9.93 4.46
N ASP C 50 -3.16 -11.01 3.76
CA ASP C 50 -2.15 -12.03 3.47
C ASP C 50 -1.16 -11.51 2.43
N SER C 51 0.03 -12.09 2.44
CA SER C 51 1.05 -11.77 1.46
C SER C 51 1.99 -12.97 1.35
N VAL C 52 2.56 -13.15 0.16
CA VAL C 52 3.39 -14.31 -0.09
C VAL C 52 4.74 -14.14 0.59
N VAL C 53 5.24 -15.22 1.17
CA VAL C 53 6.49 -15.20 1.95
C VAL C 53 7.57 -15.87 1.11
N PRO C 54 8.68 -15.20 0.82
CA PRO C 54 9.76 -15.85 0.05
C PRO C 54 10.61 -16.78 0.91
N VAL C 55 10.12 -18.01 1.07
CA VAL C 55 10.78 -18.95 1.98
C VAL C 55 12.02 -19.57 1.34
N ASN C 56 12.06 -19.66 0.01
CA ASN C 56 13.13 -20.37 -0.68
C ASN C 56 14.29 -19.41 -0.99
N ASN C 57 15.02 -19.07 0.07
CA ASN C 57 16.21 -18.21 -0.04
C ASN C 57 17.44 -19.11 0.02
N VAL C 58 17.80 -19.67 -1.13
CA VAL C 58 18.82 -20.71 -1.18
C VAL C 58 20.18 -20.19 -1.63
N GLN C 59 20.36 -18.86 -1.67
CA GLN C 59 21.67 -18.29 -1.98
C GLN C 59 22.13 -18.65 -3.38
N ASP C 60 21.27 -19.32 -4.16
CA ASP C 60 21.63 -19.74 -5.51
C ASP C 60 20.48 -19.52 -6.47
N THR C 61 19.59 -18.58 -6.15
CA THR C 61 18.40 -18.33 -6.95
C THR C 61 18.76 -17.45 -8.12
N THR C 62 19.04 -18.08 -9.27
CA THR C 62 19.23 -17.31 -10.49
C THR C 62 17.96 -16.59 -10.90
N ASP C 63 16.81 -17.26 -10.78
CA ASP C 63 15.52 -16.67 -11.06
C ASP C 63 14.88 -16.23 -9.76
N GLN C 64 14.54 -14.93 -9.67
CA GLN C 64 14.03 -14.39 -8.42
C GLN C 64 12.71 -15.05 -8.02
N MET C 65 11.85 -15.33 -8.99
CA MET C 65 10.53 -15.87 -8.66
C MET C 65 10.63 -17.22 -7.96
N GLU C 66 11.76 -17.91 -8.07
CA GLU C 66 11.92 -19.18 -7.37
C GLU C 66 11.80 -19.03 -5.87
N MET C 67 12.01 -17.83 -5.34
CA MET C 67 12.00 -17.66 -3.89
C MET C 67 10.64 -17.96 -3.28
N PHE C 68 9.59 -17.99 -4.08
CA PHE C 68 8.24 -18.18 -3.58
C PHE C 68 7.78 -19.64 -3.64
N ARG C 69 8.59 -20.53 -4.20
CA ARG C 69 8.18 -21.94 -4.43
C ARG C 69 8.98 -22.88 -3.53
N ILE C 70 8.32 -23.72 -2.73
CA ILE C 70 8.94 -24.70 -1.84
C ILE C 70 8.89 -26.06 -2.55
N PRO C 71 10.03 -26.63 -2.93
CA PRO C 71 9.99 -27.88 -3.71
C PRO C 71 9.46 -29.05 -2.90
N VAL C 72 8.84 -29.99 -3.61
CA VAL C 72 8.37 -31.24 -3.03
C VAL C 72 8.53 -32.33 -4.06
N THR C 73 8.90 -33.53 -3.61
CA THR C 73 9.27 -34.62 -4.50
C THR C 73 8.47 -35.87 -4.16
N ILE C 74 8.36 -36.76 -5.15
CA ILE C 74 7.52 -37.95 -5.01
C ILE C 74 8.15 -38.93 -4.03
N ASN C 75 9.45 -39.17 -4.15
CA ASN C 75 10.14 -40.18 -3.35
C ASN C 75 11.11 -39.47 -2.41
N ALA C 76 10.85 -39.58 -1.12
CA ALA C 76 11.70 -39.00 -0.10
C ALA C 76 11.79 -39.96 1.07
N PRO C 77 12.85 -39.87 1.87
CA PRO C 77 12.92 -40.70 3.08
C PRO C 77 11.67 -40.59 3.93
N LEU C 78 11.44 -41.55 4.82
CA LEU C 78 10.17 -41.60 5.52
C LEU C 78 9.91 -40.31 6.29
N GLN C 79 10.89 -39.84 7.04
CA GLN C 79 10.80 -38.56 7.74
C GLN C 79 11.85 -37.63 7.17
N GLN C 80 11.41 -36.50 6.62
CA GLN C 80 12.34 -35.53 6.06
C GLN C 80 11.78 -34.13 6.28
N GLN C 81 12.68 -33.16 6.36
CA GLN C 81 12.30 -31.78 6.60
C GLN C 81 12.02 -31.08 5.29
N VAL C 82 10.92 -30.32 5.26
CA VAL C 82 10.57 -29.56 4.07
C VAL C 82 11.17 -28.16 4.13
N PHE C 83 11.07 -27.48 5.27
CA PHE C 83 11.67 -26.17 5.43
C PHE C 83 11.74 -25.85 6.91
N GLY C 84 12.52 -24.82 7.22
CA GLY C 84 12.62 -24.34 8.59
C GLY C 84 13.03 -22.88 8.58
N LEU C 85 12.59 -22.15 9.60
CA LEU C 85 12.87 -20.72 9.65
C LEU C 85 12.68 -20.20 11.07
N ARG C 86 13.32 -19.07 11.34
CA ARG C 86 13.17 -18.39 12.62
C ARG C 86 11.95 -17.49 12.58
N LEU C 87 11.30 -17.32 13.72
CA LEU C 87 10.10 -16.49 13.82
C LEU C 87 10.49 -15.10 14.32
N GLN C 88 11.06 -14.31 13.41
CA GLN C 88 11.44 -12.94 13.68
C GLN C 88 10.80 -12.08 12.60
N PRO C 89 9.51 -11.75 12.75
CA PRO C 89 8.80 -11.12 11.62
C PRO C 89 9.41 -9.82 11.18
N GLY C 90 10.08 -9.09 12.06
CA GLY C 90 10.62 -7.80 11.68
C GLY C 90 12.10 -7.79 11.36
N LEU C 91 12.78 -8.92 11.59
CA LEU C 91 14.23 -8.95 11.46
C LEU C 91 14.70 -10.02 10.49
N ASP C 92 14.06 -11.19 10.50
CA ASP C 92 14.52 -12.28 9.65
C ASP C 92 14.31 -11.92 8.19
N SER C 93 15.26 -12.33 7.36
CA SER C 93 15.20 -12.00 5.94
C SER C 93 13.93 -12.53 5.29
N VAL C 94 13.40 -13.64 5.80
CA VAL C 94 12.21 -14.23 5.19
C VAL C 94 11.02 -13.30 5.32
N PHE C 95 10.76 -12.79 6.52
CA PHE C 95 9.62 -11.92 6.78
C PHE C 95 9.96 -10.45 6.65
N LYS C 96 11.21 -10.11 6.33
CA LYS C 96 11.64 -8.72 6.39
C LYS C 96 10.80 -7.85 5.47
N HIS C 97 10.59 -8.29 4.22
CA HIS C 97 9.99 -7.47 3.19
C HIS C 97 8.54 -7.85 2.89
N THR C 98 7.94 -8.74 3.67
CA THR C 98 6.55 -9.08 3.44
C THR C 98 5.66 -7.90 3.81
N LEU C 99 4.40 -7.97 3.37
CA LEU C 99 3.46 -6.90 3.67
C LEU C 99 3.34 -6.69 5.17
N LEU C 100 3.40 -7.76 5.96
CA LEU C 100 3.40 -7.62 7.40
C LEU C 100 4.72 -7.04 7.91
N GLY C 101 5.85 -7.56 7.42
CA GLY C 101 7.13 -7.12 7.93
C GLY C 101 7.36 -5.64 7.72
N GLU C 102 6.89 -5.09 6.60
CA GLU C 102 7.10 -3.68 6.33
C GLU C 102 6.43 -2.82 7.39
N ILE C 103 5.22 -3.18 7.80
CA ILE C 103 4.52 -2.38 8.80
C ILE C 103 5.26 -2.41 10.13
N LEU C 104 5.69 -3.60 10.56
CA LEU C 104 6.38 -3.69 11.85
C LEU C 104 7.65 -2.85 11.86
N ASN C 105 8.36 -2.78 10.74
CA ASN C 105 9.63 -2.07 10.73
C ASN C 105 9.48 -0.59 11.02
N TYR C 106 8.26 -0.06 10.97
CA TYR C 106 8.00 1.31 11.39
C TYR C 106 7.75 1.43 12.88
N TYR C 107 7.81 0.32 13.61
CA TYR C 107 7.56 0.32 15.05
C TYR C 107 8.67 -0.43 15.75
N ALA C 108 8.67 -0.35 17.08
CA ALA C 108 9.69 -0.98 17.91
C ALA C 108 9.19 -2.18 18.69
N HIS C 109 7.94 -2.15 19.16
CA HIS C 109 7.36 -3.25 19.91
C HIS C 109 6.19 -3.86 19.14
N TRP C 110 5.98 -5.15 19.34
CA TRP C 110 4.84 -5.83 18.74
C TRP C 110 4.40 -6.95 19.65
N SER C 111 3.14 -7.35 19.50
CA SER C 111 2.58 -8.46 20.26
C SER C 111 1.36 -8.99 19.54
N GLY C 112 0.98 -10.22 19.89
CA GLY C 112 -0.17 -10.87 19.32
C GLY C 112 0.22 -12.13 18.57
N SER C 113 -0.80 -12.81 18.07
CA SER C 113 -0.61 -14.06 17.36
C SER C 113 -0.44 -13.81 15.86
N MET C 114 -0.02 -14.85 15.15
CA MET C 114 0.24 -14.77 13.73
C MET C 114 -0.39 -15.97 13.03
N LYS C 115 -0.69 -15.79 11.75
CA LYS C 115 -1.28 -16.83 10.92
C LYS C 115 -0.32 -17.16 9.78
N LEU C 116 -0.06 -18.46 9.59
CA LEU C 116 0.68 -18.94 8.44
C LEU C 116 -0.22 -19.86 7.65
N THR C 117 -0.49 -19.51 6.40
CA THR C 117 -1.36 -20.28 5.53
C THR C 117 -0.54 -20.91 4.42
N PHE C 118 -0.74 -22.20 4.19
CA PHE C 118 -0.03 -22.95 3.16
C PHE C 118 -1.02 -23.47 2.14
N VAL C 119 -0.68 -23.32 0.87
CA VAL C 119 -1.52 -23.75 -0.24
C VAL C 119 -0.71 -24.71 -1.11
N PHE C 120 -1.31 -25.85 -1.43
CA PHE C 120 -0.65 -26.86 -2.26
C PHE C 120 -1.03 -26.62 -3.72
N CYS C 121 -0.02 -26.35 -4.55
CA CYS C 121 -0.23 -26.04 -5.96
C CYS C 121 0.26 -27.18 -6.85
N GLY C 122 0.03 -28.41 -6.43
CA GLY C 122 0.35 -29.57 -7.23
C GLY C 122 -0.77 -29.92 -8.19
N SER C 123 -0.74 -31.16 -8.67
CA SER C 123 -1.80 -31.64 -9.53
C SER C 123 -3.04 -32.01 -8.72
N ALA C 124 -4.14 -32.23 -9.43
CA ALA C 124 -5.37 -32.63 -8.75
C ALA C 124 -5.32 -34.08 -8.29
N MET C 125 -4.59 -34.93 -9.01
CA MET C 125 -4.47 -36.33 -8.65
C MET C 125 -3.44 -36.59 -7.56
N ALA C 126 -2.56 -35.63 -7.28
CA ALA C 126 -1.55 -35.84 -6.24
C ALA C 126 -2.19 -35.76 -4.86
N THR C 127 -1.53 -36.42 -3.90
CA THR C 127 -2.01 -36.45 -2.53
C THR C 127 -0.83 -36.56 -1.59
N GLY C 128 -1.07 -36.19 -0.34
CA GLY C 128 -0.02 -36.29 0.68
C GLY C 128 -0.50 -35.68 1.98
N LYS C 129 0.33 -35.87 3.00
CA LYS C 129 0.10 -35.28 4.31
C LYS C 129 1.38 -34.64 4.81
N PHE C 130 1.23 -33.52 5.51
CA PHE C 130 2.37 -32.77 6.02
C PHE C 130 2.13 -32.41 7.47
N LEU C 131 3.21 -32.36 8.23
CA LEU C 131 3.20 -31.96 9.63
C LEU C 131 3.89 -30.61 9.76
N ILE C 132 3.18 -29.63 10.31
CA ILE C 132 3.72 -28.30 10.52
C ILE C 132 3.68 -28.02 12.02
N ALA C 133 4.84 -27.67 12.58
CA ALA C 133 4.97 -27.52 14.02
C ALA C 133 5.64 -26.20 14.35
N TYR C 134 5.22 -25.61 15.47
CA TYR C 134 5.82 -24.41 16.00
C TYR C 134 6.46 -24.74 17.33
N SER C 135 7.75 -24.47 17.46
CA SER C 135 8.50 -24.81 18.65
C SER C 135 8.82 -23.55 19.43
N PRO C 136 8.33 -23.38 20.66
CA PRO C 136 8.66 -22.18 21.43
C PRO C 136 10.16 -22.06 21.64
N PRO C 137 10.62 -20.93 22.18
CA PRO C 137 12.06 -20.74 22.33
C PRO C 137 12.69 -21.82 23.19
N GLY C 138 13.91 -22.19 22.85
CA GLY C 138 14.61 -23.21 23.59
C GLY C 138 16.10 -23.15 23.28
N ALA C 139 16.84 -24.06 23.92
CA ALA C 139 18.29 -24.09 23.73
C ALA C 139 18.69 -24.55 22.34
N ASN C 140 17.90 -25.42 21.71
CA ASN C 140 18.26 -25.98 20.42
C ASN C 140 17.02 -26.17 19.57
N PRO C 141 17.08 -25.85 18.28
CA PRO C 141 15.93 -26.09 17.41
C PRO C 141 15.78 -27.58 17.12
N PRO C 142 14.58 -28.03 16.74
CA PRO C 142 14.39 -29.45 16.49
C PRO C 142 15.20 -29.92 15.29
N LYS C 143 15.60 -31.20 15.34
CA LYS C 143 16.38 -31.82 14.27
C LYS C 143 15.67 -32.95 13.58
N THR C 144 14.65 -33.56 14.20
CA THR C 144 13.93 -34.67 13.62
C THR C 144 12.46 -34.54 13.95
N ARG C 145 11.62 -35.24 13.18
CA ARG C 145 10.19 -35.11 13.35
C ARG C 145 9.77 -35.45 14.78
N LYS C 146 10.43 -36.43 15.40
CA LYS C 146 10.07 -36.80 16.77
C LYS C 146 10.25 -35.61 17.71
N ASP C 147 11.27 -34.80 17.49
CA ASP C 147 11.44 -33.60 18.31
C ASP C 147 10.37 -32.56 17.99
N ALA C 148 10.08 -32.36 16.69
CA ALA C 148 9.15 -31.31 16.30
C ALA C 148 7.74 -31.61 16.81
N MET C 149 7.31 -32.86 16.75
CA MET C 149 5.93 -33.19 17.08
C MET C 149 5.59 -32.94 18.53
N LEU C 150 6.59 -32.72 19.39
CA LEU C 150 6.29 -32.44 20.79
C LEU C 150 5.59 -31.09 20.96
N GLY C 151 6.01 -30.08 20.21
CA GLY C 151 5.44 -28.76 20.33
C GLY C 151 4.13 -28.61 19.58
N THR C 152 3.62 -27.38 19.58
CA THR C 152 2.38 -27.09 18.87
C THR C 152 2.53 -27.44 17.40
N HIS C 153 1.54 -28.14 16.85
CA HIS C 153 1.61 -28.58 15.47
C HIS C 153 0.21 -28.95 14.99
N ILE C 154 0.10 -29.07 13.67
CA ILE C 154 -1.14 -29.48 13.02
C ILE C 154 -0.80 -30.43 11.88
N ILE C 155 -1.59 -31.49 11.74
CA ILE C 155 -1.42 -32.45 10.65
C ILE C 155 -2.28 -31.98 9.49
N TRP C 156 -1.64 -31.73 8.35
CA TRP C 156 -2.31 -31.17 7.19
C TRP C 156 -2.59 -32.27 6.18
N ASP C 157 -3.86 -32.38 5.78
CA ASP C 157 -4.30 -33.35 4.78
C ASP C 157 -4.67 -32.61 3.51
N ILE C 158 -4.18 -33.08 2.38
CA ILE C 158 -4.42 -32.44 1.09
C ILE C 158 -5.60 -33.11 0.41
N GLY C 159 -6.62 -32.33 0.07
CA GLY C 159 -7.81 -32.85 -0.59
C GLY C 159 -8.47 -31.78 -1.41
N LEU C 160 -9.81 -31.74 -1.34
CA LEU C 160 -10.54 -30.69 -2.06
C LEU C 160 -10.16 -29.31 -1.55
N GLN C 161 -10.06 -29.14 -0.23
CA GLN C 161 -9.60 -27.89 0.34
C GLN C 161 -8.08 -27.83 0.21
N SER C 162 -7.59 -26.88 -0.57
CA SER C 162 -6.18 -26.82 -0.92
C SER C 162 -5.36 -25.97 0.04
N SER C 163 -5.95 -25.44 1.10
CA SER C 163 -5.25 -24.54 2.00
C SER C 163 -5.45 -24.96 3.44
N CYS C 164 -4.41 -24.79 4.25
CA CYS C 164 -4.46 -25.05 5.68
C CYS C 164 -3.79 -23.91 6.42
N VAL C 165 -4.30 -23.61 7.61
CA VAL C 165 -3.87 -22.47 8.40
C VAL C 165 -3.27 -22.96 9.70
N LEU C 166 -2.06 -22.52 10.00
CA LEU C 166 -1.41 -22.77 11.28
C LEU C 166 -1.40 -21.45 12.04
N CYS C 167 -2.08 -21.43 13.18
CA CYS C 167 -2.14 -20.24 14.02
C CYS C 167 -1.04 -20.33 15.06
N VAL C 168 -0.09 -19.40 15.00
CA VAL C 168 1.02 -19.39 15.95
C VAL C 168 0.55 -18.66 17.21
N PRO C 169 0.40 -19.35 18.34
CA PRO C 169 -0.11 -18.67 19.53
C PRO C 169 0.92 -17.70 20.10
N TRP C 170 0.43 -16.73 20.85
CA TRP C 170 1.28 -15.75 21.50
C TRP C 170 1.71 -16.30 22.85
N ILE C 171 2.88 -16.91 22.89
CA ILE C 171 3.47 -17.42 24.12
C ILE C 171 4.73 -16.61 24.38
N SER C 172 4.72 -15.82 25.44
CA SER C 172 5.86 -14.97 25.76
C SER C 172 5.84 -14.63 27.24
N GLN C 173 7.02 -14.37 27.79
CA GLN C 173 7.11 -13.94 29.18
C GLN C 173 6.77 -12.47 29.36
N THR C 174 6.81 -11.68 28.30
CA THR C 174 6.53 -10.26 28.37
C THR C 174 5.32 -9.92 27.52
N HIS C 175 4.64 -8.83 27.88
CA HIS C 175 3.49 -8.39 27.11
C HIS C 175 3.86 -8.00 25.69
N TYR C 176 5.11 -7.61 25.46
CA TYR C 176 5.54 -7.14 24.15
C TYR C 176 6.91 -7.72 23.82
N ARG C 177 7.24 -7.69 22.54
CA ARG C 177 8.54 -8.15 22.05
C ARG C 177 9.15 -7.07 21.17
N LEU C 178 10.48 -7.03 21.16
CA LEU C 178 11.18 -6.06 20.35
C LEU C 178 11.19 -6.48 18.89
N VAL C 179 11.01 -5.51 18.00
CA VAL C 179 11.14 -5.80 16.56
C VAL C 179 12.58 -6.21 16.25
N GLN C 180 13.55 -5.50 16.82
CA GLN C 180 14.96 -5.85 16.70
C GLN C 180 15.28 -6.95 17.71
N GLN C 181 14.78 -8.14 17.41
CA GLN C 181 14.80 -9.23 18.37
C GLN C 181 16.23 -9.66 18.71
N ASP C 182 16.40 -10.17 19.93
CA ASP C 182 17.68 -10.65 20.42
C ASP C 182 17.51 -11.97 21.16
N GLU C 183 18.55 -12.43 21.84
CA GLU C 183 18.45 -13.68 22.60
C GLU C 183 17.36 -13.58 23.67
N TYR C 184 17.26 -12.43 24.33
CA TYR C 184 16.34 -12.32 25.46
C TYR C 184 14.90 -12.52 25.04
N THR C 185 14.51 -11.95 23.89
CA THR C 185 13.12 -11.94 23.45
C THR C 185 12.92 -12.84 22.23
N SER C 186 13.57 -13.99 22.21
CA SER C 186 13.39 -14.92 21.11
C SER C 186 11.92 -15.32 20.99
N ALA C 187 11.57 -15.90 19.85
CA ALA C 187 10.19 -16.28 19.57
C ALA C 187 10.02 -17.73 19.15
N GLY C 188 11.09 -18.44 18.79
CA GLY C 188 10.97 -19.85 18.45
C GLY C 188 11.23 -20.14 16.99
N TYR C 189 10.80 -21.32 16.54
CA TYR C 189 11.04 -21.77 15.18
C TYR C 189 9.78 -22.42 14.62
N VAL C 190 9.71 -22.47 13.29
CA VAL C 190 8.63 -23.13 12.58
C VAL C 190 9.26 -24.07 11.56
N THR C 191 8.77 -25.30 11.52
CA THR C 191 9.30 -26.31 10.61
C THR C 191 8.17 -27.16 10.07
N CYS C 192 8.41 -27.75 8.90
CA CYS C 192 7.45 -28.62 8.24
C CYS C 192 8.13 -29.92 7.84
N TRP C 193 7.44 -31.03 8.03
CA TRP C 193 8.00 -32.35 7.80
C TRP C 193 7.01 -33.21 7.04
N TYR C 194 7.53 -34.20 6.31
CA TYR C 194 6.69 -35.16 5.64
C TYR C 194 5.98 -36.03 6.67
N GLN C 195 4.66 -36.13 6.57
CA GLN C 195 3.90 -37.00 7.44
C GLN C 195 3.73 -38.39 6.82
N THR C 196 3.40 -38.43 5.53
CA THR C 196 3.20 -39.70 4.83
C THR C 196 3.98 -39.73 3.53
N GLY C 197 4.18 -38.57 2.92
CA GLY C 197 4.81 -38.49 1.62
C GLY C 197 3.81 -38.20 0.52
N MET C 198 4.32 -37.74 -0.61
CA MET C 198 3.49 -37.38 -1.75
C MET C 198 3.47 -38.55 -2.74
N ILE C 199 2.27 -38.93 -3.17
CA ILE C 199 2.06 -40.03 -4.09
C ILE C 199 1.34 -39.49 -5.31
N VAL C 200 1.75 -39.94 -6.50
CA VAL C 200 1.16 -39.49 -7.74
C VAL C 200 0.85 -40.67 -8.64
N PRO C 201 -0.17 -40.59 -9.49
CA PRO C 201 -0.43 -41.68 -10.43
C PRO C 201 0.40 -41.53 -11.69
N PRO C 202 0.29 -42.45 -12.64
CA PRO C 202 1.06 -42.33 -13.87
C PRO C 202 0.70 -41.08 -14.65
N GLY C 203 1.67 -40.57 -15.40
CA GLY C 203 1.43 -39.41 -16.24
C GLY C 203 1.20 -38.12 -15.50
N THR C 204 1.96 -37.86 -14.45
CA THR C 204 1.91 -36.60 -13.73
C THR C 204 3.33 -36.12 -13.46
N PRO C 205 3.52 -34.81 -13.25
CA PRO C 205 4.86 -34.32 -12.94
C PRO C 205 5.37 -34.91 -11.64
N ASN C 206 6.69 -35.08 -11.57
CA ASN C 206 7.34 -35.69 -10.41
C ASN C 206 7.62 -34.68 -9.29
N SER C 207 7.35 -33.40 -9.50
CA SER C 207 7.63 -32.39 -8.50
C SER C 207 6.45 -31.44 -8.40
N SER C 208 6.30 -30.83 -7.23
CA SER C 208 5.24 -29.88 -6.97
C SER C 208 5.80 -28.73 -6.14
N SER C 209 4.97 -27.75 -5.84
CA SER C 209 5.40 -26.57 -5.10
C SER C 209 4.33 -26.20 -4.09
N ILE C 210 4.78 -25.52 -3.04
CA ILE C 210 3.90 -25.00 -1.99
C ILE C 210 4.23 -23.54 -1.78
N MET C 211 3.23 -22.77 -1.37
CA MET C 211 3.40 -21.36 -1.08
C MET C 211 2.89 -21.06 0.31
N CYS C 212 3.46 -20.05 0.94
CA CYS C 212 3.15 -19.67 2.31
C CYS C 212 2.67 -18.23 2.35
N PHE C 213 1.66 -17.97 3.18
CA PHE C 213 1.10 -16.65 3.38
C PHE C 213 1.17 -16.28 4.84
N ALA C 214 1.51 -15.02 5.11
CA ALA C 214 1.68 -14.53 6.47
C ALA C 214 0.73 -13.37 6.73
N SER C 215 0.13 -13.35 7.91
CA SER C 215 -0.78 -12.27 8.30
C SER C 215 -0.92 -12.29 9.81
N ALA C 216 -1.50 -11.21 10.33
CA ALA C 216 -1.69 -11.04 11.76
C ALA C 216 -3.12 -11.34 12.17
N CYS C 217 -3.28 -11.85 13.39
CA CYS C 217 -4.60 -12.17 13.91
C CYS C 217 -5.29 -10.88 14.35
N ASN C 218 -6.45 -11.01 14.98
CA ASN C 218 -7.21 -9.83 15.40
C ASN C 218 -6.78 -9.28 16.74
N ASP C 219 -5.80 -9.89 17.40
CA ASP C 219 -5.27 -9.38 18.66
C ASP C 219 -3.88 -8.77 18.49
N PHE C 220 -3.43 -8.57 17.25
CA PHE C 220 -2.09 -8.08 17.01
C PHE C 220 -2.04 -6.57 17.21
N SER C 221 -0.88 -6.06 17.61
CA SER C 221 -0.73 -4.63 17.83
C SER C 221 0.75 -4.26 17.87
N VAL C 222 1.01 -2.96 17.73
CA VAL C 222 2.37 -2.43 17.65
C VAL C 222 2.46 -1.19 18.55
N ARG C 223 3.65 -0.64 18.73
CA ARG C 223 3.87 0.50 19.66
C ARG C 223 5.20 1.18 19.36
N MET C 224 5.42 2.40 19.85
CA MET C 224 6.68 3.17 19.65
C MET C 224 7.02 3.34 18.18
N LEU C 225 6.53 4.40 17.53
CA LEU C 225 6.82 4.67 16.11
C LEU C 225 8.32 4.93 15.98
N ARG C 226 8.96 4.44 14.91
CA ARG C 226 10.42 4.56 14.68
C ARG C 226 10.61 4.67 13.18
N ASP C 227 11.70 5.29 12.71
CA ASP C 227 11.96 5.47 11.26
C ASP C 227 12.54 4.18 10.71
N THR C 228 12.01 3.68 9.61
CA THR C 228 12.45 2.41 9.03
C THR C 228 13.89 2.51 8.52
N PRO C 229 14.64 1.42 8.58
CA PRO C 229 16.03 1.43 8.09
C PRO C 229 16.24 0.95 6.66
N PHE C 230 15.18 0.52 5.97
CA PHE C 230 15.35 -0.09 4.65
C PHE C 230 15.63 0.93 3.55
N ILE C 231 15.26 2.19 3.75
CA ILE C 231 15.31 3.19 2.69
C ILE C 231 16.28 4.28 3.12
N SER C 232 17.17 4.68 2.21
CA SER C 232 18.18 5.68 2.52
C SER C 232 18.59 6.42 1.27
N GLN C 233 19.16 7.60 1.45
CA GLN C 233 19.68 8.41 0.36
C GLN C 233 20.98 9.07 0.79
N ASP C 234 21.79 9.43 -0.20
CA ASP C 234 23.07 10.09 0.04
C ASP C 234 23.09 11.53 -0.43
N ASN C 235 22.30 11.88 -1.44
CA ASN C 235 22.28 13.23 -1.98
C ASN C 235 20.84 13.63 -2.25
N LYS C 236 20.59 14.94 -2.22
CA LYS C 236 19.26 15.45 -2.51
C LYS C 236 18.87 15.06 -3.93
N LEU C 237 17.62 14.63 -4.10
CA LEU C 237 17.13 14.19 -5.40
C LEU C 237 16.99 15.37 -6.35
N GLY D 1 -16.91 28.64 26.24
CA GLY D 1 -17.20 27.46 25.44
C GLY D 1 -16.03 26.50 25.39
N ALA D 2 -15.86 25.74 26.47
CA ALA D 2 -14.72 24.85 26.65
C ALA D 2 -15.17 23.40 26.56
N GLN D 3 -14.30 22.55 26.04
CA GLN D 3 -14.57 21.12 25.89
C GLN D 3 -13.74 20.36 26.92
N VAL D 4 -14.38 19.40 27.59
CA VAL D 4 -13.72 18.56 28.58
C VAL D 4 -13.81 17.12 28.11
N SER D 5 -12.68 16.42 28.10
CA SER D 5 -12.64 15.04 27.64
C SER D 5 -11.53 14.31 28.37
N THR D 6 -11.62 12.99 28.36
CA THR D 6 -10.64 12.15 29.03
C THR D 6 -9.35 12.09 28.24
N GLN D 7 -8.27 11.69 28.92
CA GLN D 7 -6.95 11.59 28.33
C GLN D 7 -6.42 10.17 28.46
N LYS D 8 -5.61 9.76 27.50
CA LYS D 8 -5.11 8.40 27.46
C LYS D 8 -4.28 8.10 28.69
N THR D 9 -4.44 6.90 29.22
CA THR D 9 -3.71 6.48 30.42
C THR D 9 -3.43 4.98 30.41
N ALA D 11 -3.67 1.32 31.79
CA ALA D 11 -4.42 0.07 31.85
C ALA D 11 -5.80 0.30 32.45
N HIS D 12 -5.90 0.15 33.76
CA HIS D 12 -7.15 0.41 34.48
C HIS D 12 -6.86 1.11 35.80
N GLU D 13 -5.96 2.09 35.76
CA GLU D 13 -5.63 2.90 36.93
C GLU D 13 -5.51 4.36 36.55
N ILE D 24 -8.20 13.06 35.55
CA ILE D 24 -8.00 12.44 34.25
C ILE D 24 -8.87 13.15 33.22
N HIS D 25 -8.81 14.47 33.24
CA HIS D 25 -9.53 15.31 32.31
C HIS D 25 -8.62 16.43 31.82
N TYR D 26 -8.87 16.91 30.61
CA TYR D 26 -8.17 18.06 30.09
C TYR D 26 -9.14 18.97 29.37
N THR D 27 -8.86 20.27 29.43
CA THR D 27 -9.72 21.28 28.86
C THR D 27 -9.09 21.83 27.58
N ASN D 28 -9.95 22.09 26.58
CA ASN D 28 -9.49 22.61 25.31
C ASN D 28 -10.39 23.75 24.87
N ILE D 29 -9.79 24.79 24.29
CA ILE D 29 -10.52 25.93 23.76
C ILE D 29 -9.90 26.31 22.44
N ASN D 30 -10.74 26.66 21.47
CA ASN D 30 -10.29 27.06 20.14
C ASN D 30 -10.23 28.58 20.07
N TYR D 31 -9.10 29.11 19.59
CA TYR D 31 -8.86 30.54 19.56
C TYR D 31 -9.00 31.17 18.19
N TYR D 32 -8.99 30.37 17.12
CA TYR D 32 -8.98 30.91 15.77
C TYR D 32 -10.28 30.55 15.05
N LYS D 33 -10.60 31.36 14.04
CA LYS D 33 -11.88 31.26 13.34
C LYS D 33 -11.86 30.28 12.18
N ASP D 34 -10.73 29.61 11.93
CA ASP D 34 -10.62 28.63 10.85
C ASP D 34 -10.41 27.25 11.44
N ALA D 35 -11.23 26.29 11.01
CA ALA D 35 -11.13 24.94 11.55
C ALA D 35 -9.77 24.31 11.29
N ALA D 36 -9.05 24.77 10.27
CA ALA D 36 -7.74 24.20 9.98
C ALA D 36 -6.73 24.49 11.07
N SER D 37 -7.01 25.46 11.95
CA SER D 37 -6.08 25.80 13.02
C SER D 37 -6.19 24.89 14.23
N ASN D 38 -7.24 24.08 14.32
CA ASN D 38 -7.42 23.23 15.49
C ASN D 38 -6.27 22.23 15.60
N SER D 39 -6.13 21.67 16.80
CA SER D 39 -5.11 20.66 17.03
C SER D 39 -5.55 19.32 16.46
N ALA D 40 -4.58 18.41 16.31
CA ALA D 40 -4.87 17.12 15.73
C ALA D 40 -5.89 16.36 16.57
N ASN D 41 -6.85 15.75 15.91
CA ASN D 41 -7.88 14.95 16.58
C ASN D 41 -7.49 13.47 16.56
N ARG D 42 -6.46 13.17 17.35
CA ARG D 42 -5.87 11.83 17.39
C ARG D 42 -6.51 10.94 18.45
N GLN D 43 -7.77 11.18 18.80
CA GLN D 43 -8.45 10.40 19.82
C GLN D 43 -9.46 9.41 19.24
N ASP D 44 -9.52 9.27 17.91
CA ASP D 44 -10.45 8.36 17.27
C ASP D 44 -9.79 7.01 17.07
N PHE D 45 -10.51 5.94 17.45
CA PHE D 45 -9.94 4.60 17.44
C PHE D 45 -10.86 3.58 16.77
N THR D 46 -11.90 4.02 16.08
CA THR D 46 -12.77 3.09 15.39
C THR D 46 -12.08 2.55 14.15
N GLN D 47 -12.32 1.29 13.84
CA GLN D 47 -11.67 0.64 12.71
C GLN D 47 -12.47 -0.57 12.28
N ASP D 48 -12.30 -0.94 11.00
CA ASP D 48 -13.03 -2.06 10.41
C ASP D 48 -12.22 -2.69 9.29
N PRO D 49 -11.63 -3.87 9.51
CA PRO D 49 -10.79 -4.48 8.48
C PRO D 49 -11.51 -5.36 7.47
N SER D 50 -12.82 -5.58 7.64
CA SER D 50 -13.54 -6.48 6.74
C SER D 50 -13.48 -6.02 5.30
N LYS D 51 -13.20 -4.74 5.05
CA LYS D 51 -13.15 -4.24 3.68
C LYS D 51 -12.07 -4.94 2.87
N PHE D 52 -10.91 -5.18 3.48
CA PHE D 52 -9.78 -5.77 2.78
C PHE D 52 -9.61 -7.26 3.04
N THR D 53 -10.15 -7.78 4.14
CA THR D 53 -9.98 -9.19 4.48
C THR D 53 -11.12 -10.07 4.00
N GLU D 54 -12.33 -9.54 3.90
CA GLU D 54 -13.50 -10.31 3.46
C GLU D 54 -14.24 -9.54 2.37
N PRO D 55 -13.62 -9.32 1.22
CA PRO D 55 -14.29 -8.62 0.12
C PRO D 55 -15.18 -9.51 -0.74
N VAL D 56 -15.49 -10.72 -0.30
CA VAL D 56 -16.27 -11.64 -1.12
C VAL D 56 -17.73 -11.21 -1.14
N LYS D 57 -18.48 -11.76 -2.10
CA LYS D 57 -19.89 -11.42 -2.23
C LYS D 57 -20.75 -12.27 -1.29
N ASP D 58 -20.49 -13.57 -1.23
CA ASP D 58 -21.24 -14.46 -0.36
C ASP D 58 -20.44 -14.68 0.93
N VAL D 59 -21.07 -14.37 2.06
CA VAL D 59 -20.40 -14.52 3.35
C VAL D 59 -20.06 -15.99 3.56
N MET D 60 -18.86 -16.25 4.07
CA MET D 60 -18.38 -17.60 4.34
C MET D 60 -18.22 -17.78 5.85
N ILE D 61 -18.80 -18.85 6.38
CA ILE D 61 -18.67 -19.17 7.79
C ILE D 61 -17.37 -19.93 7.99
N LYS D 62 -16.59 -19.52 9.00
CA LYS D 62 -15.29 -20.12 9.21
C LYS D 62 -15.42 -21.62 9.50
N SER D 63 -16.42 -22.01 10.30
CA SER D 63 -16.57 -23.41 10.65
C SER D 63 -16.91 -24.26 9.42
N LEU D 64 -17.77 -23.75 8.54
CA LEU D 64 -18.17 -24.51 7.37
C LEU D 64 -17.01 -24.60 6.37
N PRO D 65 -17.03 -25.61 5.50
CA PRO D 65 -16.00 -25.70 4.47
C PRO D 65 -16.05 -24.50 3.53
N ALA D 66 -14.87 -24.11 3.04
CA ALA D 66 -14.80 -22.98 2.13
C ALA D 66 -15.60 -23.24 0.85
N LEU D 67 -15.51 -24.45 0.33
CA LEU D 67 -16.22 -24.81 -0.90
C LEU D 67 -17.10 -26.04 -0.68
C1 A1IEH E . 0.54 15.75 -6.20
N1 A1IEH E . 0.29 15.88 -4.75
C2 A1IEH E . 0.77 17.21 -4.35
C3 A1IEH E . 0.66 17.36 -2.84
C4 A1IEH E . 1.16 14.90 -4.10
C5 A1IEH E . 1.05 15.05 -2.58
N2 A1IEH E . 1.53 16.38 -2.18
C6 A1IEH E . 1.28 16.49 -0.73
C7 A1IEH E . 1.51 17.92 -0.30
C8 A1IEH E . 0.47 18.83 -0.33
C9 A1IEH E . 0.69 20.13 0.07
C10 A1IEH E . 2.78 18.32 0.12
C11 A1IEH E . 3.00 19.62 0.52
C12 A1IEH E . 1.95 20.54 0.49
N3 A1IEH E . 2.17 21.85 0.90
C13 A1IEH E . 1.07 22.83 0.87
C14 A1IEH E . 1.57 24.16 1.34
C15 A1IEH E . 2.08 25.07 0.44
C16 A1IEH E . 2.54 26.30 0.88
F1 A1IEH E . 3.04 27.19 0.00
C17 A1IEH E . 2.48 26.62 2.23
F2 A1IEH E . 2.92 27.82 2.66
C18 A1IEH E . 1.97 25.71 3.13
C19 A1IEH E . 1.51 24.49 2.69
H3 A1IEH E . 0.00 16.55 -6.73
H2 A1IEH E . 0.21 14.78 -6.54
H1 A1IEH E . 1.61 15.86 -6.39
H4 A1IEH E . 1.81 17.32 -4.65
H5 A1IEH E . 0.17 17.98 -4.85
H6 A1IEH E . 0.97 18.37 -2.55
H7 A1IEH E . -0.38 17.19 -2.54
H8 A1IEH E . 0.86 13.89 -4.38
H9 A1IEH E . 2.20 15.06 -4.40
H10 A1IEH E . 0.01 14.93 -2.28
H11 A1IEH E . 1.65 14.28 -2.09
H12 A1IEH E . 0.24 16.22 -0.52
H13 A1IEH E . 1.95 15.84 -0.19
H14 A1IEH E . -0.51 18.52 -0.65
H15 A1IEH E . -0.13 20.85 0.06
H16 A1IEH E . 3.58 17.60 0.14
H17 A1IEH E . 3.97 19.93 0.85
H18 A1IEH E . 3.05 22.13 1.20
H19 A1IEH E . 0.70 22.92 -0.15
H20 A1IEH E . 0.27 22.48 1.52
H21 A1IEH E . 2.13 24.82 -0.60
H22 A1IEH E . 1.92 25.96 4.18
H23 A1IEH E . 1.10 23.77 3.40
#